data_7X0R
#
_entry.id   7X0R
#
_cell.length_a   53.830
_cell.length_b   62.090
_cell.length_c   81.300
_cell.angle_alpha   90.000
_cell.angle_beta   101.700
_cell.angle_gamma   90.000
#
_symmetry.space_group_name_H-M   'P 1 21 1'
#
loop_
_entity.id
_entity.type
_entity.pdbx_description
1 polymer Lbp
2 non-polymer GUANOSINE
3 non-polymer 'ZINC ION'
4 water water
#
_entity_poly.entity_id   1
_entity_poly.type   'polypeptide(L)'
_entity_poly.pdbx_seq_one_letter_code
;SKNSGNNSNNSSNNNSSNNTGGKKIKIGMVTDVGGVNDGSFNQSAWEGLQRAQKELGVEVRYAESATDADYAPNIEAFID
EGYDLIICVGYMLADATRKAAEANPNQKFAIIDDASIDLPNVTCLMFEQSQASYLVGLVAGKMTKTNKVGFVVGMVSQTM
NEFGYGYLAGVKDANPNATILQFNANSFSSTETGKSAATTMITNGADVIFHAAGGTGLGVIEGCKDAGKWAIGVDSDQSP
LAPENILTSAMKRVDNACFDIAKAVKEGNVKPGIITYDLKSAGVDIAPTTTNLPKEVLDYVNQAKQDIINGKITVPKTKA
EFEAKYGNIYELDD
;
_entity_poly.pdbx_strand_id   A,B
#
loop_
_chem_comp.id
_chem_comp.type
_chem_comp.name
_chem_comp.formula
GMP non-polymer GUANOSINE 'C10 H13 N5 O5'
ZN non-polymer 'ZINC ION' 'Zn 2'
#
# COMPACT_ATOMS: atom_id res chain seq x y z
N LYS A 24 -12.12 -11.76 16.30
CA LYS A 24 -11.49 -10.48 16.00
C LYS A 24 -12.36 -9.65 15.05
N ILE A 25 -12.42 -8.34 15.30
CA ILE A 25 -13.14 -7.41 14.45
C ILE A 25 -12.24 -7.05 13.28
N LYS A 26 -12.76 -7.22 12.06
CA LYS A 26 -11.98 -7.01 10.84
C LYS A 26 -12.66 -5.95 10.01
N ILE A 27 -11.90 -4.95 9.59
CA ILE A 27 -12.39 -3.88 8.74
C ILE A 27 -11.61 -3.90 7.44
N GLY A 28 -12.32 -3.89 6.31
CA GLY A 28 -11.70 -3.87 5.00
C GLY A 28 -12.00 -2.57 4.28
N MET A 29 -11.01 -2.09 3.55
CA MET A 29 -11.10 -0.85 2.79
C MET A 29 -10.92 -1.20 1.32
N VAL A 30 -11.86 -0.77 0.50
CA VAL A 30 -11.75 -0.92 -0.95
C VAL A 30 -11.41 0.45 -1.47
N THR A 31 -10.23 0.57 -2.03
CA THR A 31 -9.78 1.88 -2.41
C THR A 31 -10.05 2.06 -3.87
N ASP A 32 -9.96 3.30 -4.25
CA ASP A 32 -10.26 3.61 -5.62
C ASP A 32 -8.97 3.62 -6.43
N VAL A 33 -9.11 4.07 -7.66
CA VAL A 33 -8.00 4.06 -8.60
C VAL A 33 -6.82 4.87 -8.07
N GLY A 34 -7.08 5.83 -7.17
CA GLY A 34 -6.01 6.68 -6.66
C GLY A 34 -4.84 5.94 -6.03
N GLY A 35 -5.13 4.90 -5.24
CA GLY A 35 -4.12 4.11 -4.51
C GLY A 35 -3.83 4.62 -3.12
N VAL A 36 -3.40 3.70 -2.23
CA VAL A 36 -3.11 4.09 -0.85
C VAL A 36 -1.80 4.87 -0.67
N ASN A 37 -1.05 5.06 -1.75
CA ASN A 37 0.13 5.91 -1.70
C ASN A 37 -0.08 7.20 -2.50
N ASP A 38 -1.33 7.67 -2.50
CA ASP A 38 -1.68 8.89 -3.23
C ASP A 38 -1.31 10.17 -2.50
N GLY A 39 -0.79 10.10 -1.28
CA GLY A 39 -0.40 11.27 -0.56
C GLY A 39 -1.55 12.10 -0.06
N SER A 40 -2.79 11.61 -0.21
CA SER A 40 -3.98 12.42 0.02
C SER A 40 -5.15 11.53 0.48
N PHE A 41 -6.12 11.32 -0.41
CA PHE A 41 -7.42 10.76 -0.04
C PHE A 41 -7.33 9.33 0.45
N ASN A 42 -6.90 8.42 -0.41
CA ASN A 42 -6.88 7.02 -0.03
C ASN A 42 -5.84 6.76 1.03
N GLN A 43 -4.70 7.47 0.94
CA GLN A 43 -3.66 7.30 1.94
C GLN A 43 -4.16 7.72 3.31
N SER A 44 -4.96 8.80 3.38
CA SER A 44 -5.48 9.23 4.67
C SER A 44 -6.50 8.24 5.23
N ALA A 45 -7.39 7.73 4.37
CA ALA A 45 -8.34 6.73 4.83
C ALA A 45 -7.60 5.53 5.42
N TRP A 46 -6.59 5.04 4.71
CA TRP A 46 -5.80 3.91 5.19
C TRP A 46 -5.06 4.24 6.48
N GLU A 47 -4.51 5.45 6.58
CA GLU A 47 -3.80 5.85 7.80
C GLU A 47 -4.77 5.82 8.99
N GLY A 48 -6.01 6.23 8.78
CA GLY A 48 -6.98 6.18 9.86
C GLY A 48 -7.30 4.76 10.29
N LEU A 49 -7.35 3.83 9.32
CA LEU A 49 -7.57 2.44 9.68
C LEU A 49 -6.33 1.86 10.37
N GLN A 50 -5.14 2.24 9.96
CA GLN A 50 -3.95 1.78 10.69
C GLN A 50 -3.99 2.26 12.14
N ARG A 51 -4.44 3.50 12.34
CA ARG A 51 -4.59 3.99 13.70
C ARG A 51 -5.67 3.21 14.44
N ALA A 52 -6.78 2.90 13.75
CA ALA A 52 -7.82 2.11 14.39
C ALA A 52 -7.31 0.75 14.83
N GLN A 53 -6.46 0.12 13.99
CA GLN A 53 -5.88 -1.15 14.41
C GLN A 53 -5.06 -0.99 15.67
N LYS A 54 -4.24 0.07 15.75
CA LYS A 54 -3.37 0.26 16.90
C LYS A 54 -4.15 0.60 18.16
N GLU A 55 -5.18 1.45 18.04
CA GLU A 55 -5.88 1.95 19.21
C GLU A 55 -7.08 1.11 19.63
N LEU A 56 -7.72 0.45 18.67
CA LEU A 56 -8.96 -0.28 18.92
C LEU A 56 -8.81 -1.78 18.84
N GLY A 57 -7.75 -2.28 18.24
CA GLY A 57 -7.54 -3.70 18.13
C GLY A 57 -8.25 -4.36 16.98
N VAL A 58 -8.89 -3.59 16.10
CA VAL A 58 -9.47 -4.14 14.89
C VAL A 58 -8.35 -4.54 13.93
N GLU A 59 -8.56 -5.54 13.11
CA GLU A 59 -7.62 -5.96 12.08
C GLU A 59 -8.04 -5.30 10.78
N VAL A 60 -7.14 -4.66 10.08
CA VAL A 60 -7.46 -3.85 8.91
C VAL A 60 -6.67 -4.34 7.70
N ARG A 61 -7.32 -4.28 6.54
CA ARG A 61 -6.73 -4.66 5.27
C ARG A 61 -7.36 -3.79 4.21
N TYR A 62 -6.59 -3.51 3.15
CA TYR A 62 -7.12 -2.78 2.03
C TYR A 62 -7.03 -3.63 0.76
N ALA A 63 -7.86 -3.27 -0.21
CA ALA A 63 -7.82 -3.86 -1.53
C ALA A 63 -7.91 -2.72 -2.54
N GLU A 64 -6.85 -2.55 -3.34
CA GLU A 64 -6.85 -1.53 -4.38
C GLU A 64 -7.57 -2.02 -5.60
N SER A 65 -8.28 -1.11 -6.27
CA SER A 65 -9.02 -1.41 -7.48
C SER A 65 -8.29 -0.74 -8.63
N ALA A 66 -7.74 -1.55 -9.53
CA ALA A 66 -7.07 -1.00 -10.71
C ALA A 66 -8.03 -0.24 -11.59
N THR A 67 -9.25 -0.77 -11.76
CA THR A 67 -10.32 -0.16 -12.51
C THR A 67 -11.62 -0.47 -11.80
N ASP A 68 -12.73 0.09 -12.29
CA ASP A 68 -14.02 -0.20 -11.65
C ASP A 68 -14.42 -1.67 -11.80
N ALA A 69 -13.77 -2.42 -12.68
CA ALA A 69 -14.03 -3.85 -12.76
C ALA A 69 -13.61 -4.58 -11.49
N ASP A 70 -12.72 -3.98 -10.71
CA ASP A 70 -12.25 -4.63 -9.50
C ASP A 70 -13.06 -4.29 -8.26
N TYR A 71 -14.02 -3.38 -8.37
CA TYR A 71 -14.79 -2.98 -7.19
C TYR A 71 -15.56 -4.17 -6.62
N ALA A 72 -16.34 -4.83 -7.46
CA ALA A 72 -17.19 -5.92 -7.00
C ALA A 72 -16.38 -7.06 -6.41
N PRO A 73 -15.34 -7.59 -7.07
CA PRO A 73 -14.60 -8.71 -6.48
C PRO A 73 -13.81 -8.33 -5.23
N ASN A 74 -13.38 -7.06 -5.12
CA ASN A 74 -12.70 -6.65 -3.91
C ASN A 74 -13.67 -6.61 -2.73
N ILE A 75 -14.88 -6.13 -2.96
CA ILE A 75 -15.91 -6.19 -1.93
C ILE A 75 -16.20 -7.63 -1.56
N GLU A 76 -16.40 -8.48 -2.58
CA GLU A 76 -16.72 -9.89 -2.34
C GLU A 76 -15.63 -10.58 -1.54
N ALA A 77 -14.37 -10.22 -1.77
CA ALA A 77 -13.28 -10.89 -1.06
C ALA A 77 -13.35 -10.62 0.44
N PHE A 78 -13.71 -9.40 0.82
CA PHE A 78 -13.88 -9.08 2.23
C PHE A 78 -15.13 -9.75 2.80
N ILE A 79 -16.24 -9.76 2.05
CA ILE A 79 -17.42 -10.51 2.49
C ILE A 79 -17.07 -11.96 2.78
N ASP A 80 -16.39 -12.61 1.82
CA ASP A 80 -16.11 -14.02 1.94
C ASP A 80 -15.10 -14.33 3.05
N GLU A 81 -14.31 -13.35 3.46
CA GLU A 81 -13.35 -13.55 4.55
C GLU A 81 -13.89 -13.12 5.91
N GLY A 82 -15.16 -12.72 5.99
CA GLY A 82 -15.80 -12.49 7.27
C GLY A 82 -15.60 -11.11 7.85
N TYR A 83 -15.33 -10.12 7.04
CA TYR A 83 -15.06 -8.79 7.57
C TYR A 83 -16.33 -8.18 8.13
N ASP A 84 -16.17 -7.49 9.26
CA ASP A 84 -17.32 -6.91 9.96
C ASP A 84 -17.79 -5.61 9.30
N LEU A 85 -16.91 -4.91 8.61
CA LEU A 85 -17.27 -3.68 7.92
C LEU A 85 -16.39 -3.56 6.69
N ILE A 86 -16.99 -3.13 5.60
CA ILE A 86 -16.28 -2.83 4.37
C ILE A 86 -16.47 -1.35 4.09
N ILE A 87 -15.37 -0.61 4.00
CA ILE A 87 -15.39 0.81 3.73
C ILE A 87 -15.00 1.01 2.27
N CYS A 88 -15.91 1.55 1.48
CA CYS A 88 -15.68 1.85 0.07
C CYS A 88 -15.27 3.31 -0.03
N VAL A 89 -14.04 3.56 -0.45
CA VAL A 89 -13.45 4.89 -0.41
C VAL A 89 -13.63 5.52 -1.78
N GLY A 90 -14.62 6.39 -1.89
CA GLY A 90 -14.76 7.24 -3.07
C GLY A 90 -16.12 7.11 -3.70
N TYR A 91 -16.55 8.19 -4.34
CA TYR A 91 -17.91 8.23 -4.85
C TYR A 91 -18.15 7.26 -6.01
N MET A 92 -17.09 6.90 -6.76
CA MET A 92 -17.25 6.01 -7.91
C MET A 92 -17.61 4.60 -7.52
N LEU A 93 -17.45 4.23 -6.25
CA LEU A 93 -17.80 2.91 -5.77
C LEU A 93 -19.28 2.77 -5.43
N ALA A 94 -20.08 3.82 -5.64
CA ALA A 94 -21.46 3.79 -5.17
C ALA A 94 -22.26 2.65 -5.79
N ASP A 95 -22.21 2.50 -7.11
CA ASP A 95 -23.02 1.48 -7.77
C ASP A 95 -22.65 0.08 -7.26
N ALA A 96 -21.35 -0.19 -7.12
CA ALA A 96 -20.92 -1.51 -6.67
C ALA A 96 -21.31 -1.73 -5.22
N THR A 97 -21.24 -0.68 -4.40
CA THR A 97 -21.60 -0.78 -2.99
C THR A 97 -23.09 -1.04 -2.82
N ARG A 98 -23.91 -0.32 -3.58
CA ARG A 98 -25.34 -0.54 -3.51
C ARG A 98 -25.67 -1.98 -3.87
N LYS A 99 -25.12 -2.47 -4.98
CA LYS A 99 -25.43 -3.82 -5.40
C LYS A 99 -24.99 -4.85 -4.37
N ALA A 100 -23.79 -4.68 -3.80
CA ALA A 100 -23.31 -5.63 -2.80
C ALA A 100 -24.14 -5.56 -1.53
N ALA A 101 -24.54 -4.35 -1.12
CA ALA A 101 -25.33 -4.20 0.10
C ALA A 101 -26.69 -4.84 -0.05
N GLU A 102 -27.30 -4.71 -1.24
CA GLU A 102 -28.58 -5.35 -1.47
C GLU A 102 -28.45 -6.87 -1.47
N ALA A 103 -27.35 -7.39 -2.01
CA ALA A 103 -27.18 -8.83 -2.11
C ALA A 103 -26.63 -9.45 -0.82
N ASN A 104 -26.21 -8.63 0.14
CA ASN A 104 -25.62 -9.12 1.39
C ASN A 104 -26.18 -8.33 2.56
N PRO A 105 -27.43 -8.60 2.91
CA PRO A 105 -28.08 -7.76 3.94
C PRO A 105 -27.42 -7.81 5.29
N ASN A 106 -26.70 -8.88 5.63
CA ASN A 106 -26.05 -8.93 6.93
C ASN A 106 -24.67 -8.28 6.94
N GLN A 107 -24.17 -7.87 5.79
CA GLN A 107 -22.86 -7.23 5.71
C GLN A 107 -23.00 -5.71 5.88
N LYS A 108 -22.21 -5.15 6.79
CA LYS A 108 -22.15 -3.70 6.95
C LYS A 108 -21.16 -3.06 5.99
N PHE A 109 -21.56 -1.93 5.43
CA PHE A 109 -20.75 -1.16 4.52
C PHE A 109 -20.73 0.30 4.95
N ALA A 110 -19.64 0.99 4.60
CA ALA A 110 -19.60 2.43 4.64
C ALA A 110 -19.05 2.90 3.31
N ILE A 111 -19.50 4.07 2.87
CA ILE A 111 -19.03 4.66 1.62
C ILE A 111 -18.70 6.11 1.88
N ILE A 112 -17.54 6.54 1.39
CA ILE A 112 -17.07 7.92 1.55
C ILE A 112 -17.41 8.68 0.28
N ASP A 113 -18.02 9.84 0.45
CA ASP A 113 -18.25 10.85 -0.58
C ASP A 113 -19.48 10.57 -1.45
N ASP A 114 -20.34 9.64 -1.08
CA ASP A 114 -21.61 9.49 -1.77
C ASP A 114 -22.71 9.19 -0.77
N ALA A 115 -23.86 9.85 -0.95
CA ALA A 115 -24.98 9.72 -0.02
C ALA A 115 -26.25 9.23 -0.71
N SER A 116 -26.12 8.62 -1.89
CA SER A 116 -27.29 8.16 -2.60
C SER A 116 -27.88 6.88 -2.04
N ILE A 117 -27.11 6.06 -1.33
CA ILE A 117 -27.57 4.74 -0.92
C ILE A 117 -28.31 4.88 0.41
N ASP A 118 -29.55 4.43 0.43
CA ASP A 118 -30.44 4.43 1.60
C ASP A 118 -30.78 2.97 1.89
N LEU A 119 -29.92 2.32 2.66
CA LEU A 119 -30.10 0.92 3.02
C LEU A 119 -29.69 0.73 4.47
N PRO A 120 -30.29 -0.26 5.15
CA PRO A 120 -30.02 -0.42 6.58
C PRO A 120 -28.61 -0.86 6.89
N ASN A 121 -27.87 -1.38 5.91
CA ASN A 121 -26.51 -1.82 6.13
C ASN A 121 -25.46 -0.89 5.53
N VAL A 122 -25.82 0.37 5.26
CA VAL A 122 -24.89 1.29 4.59
C VAL A 122 -24.83 2.62 5.33
N THR A 123 -23.62 3.01 5.69
CA THR A 123 -23.37 4.32 6.29
C THR A 123 -22.63 5.17 5.27
N CYS A 124 -23.11 6.38 5.06
CA CYS A 124 -22.51 7.31 4.11
C CYS A 124 -21.73 8.39 4.87
N LEU A 125 -20.45 8.49 4.58
CA LEU A 125 -19.54 9.41 5.26
C LEU A 125 -19.27 10.57 4.33
N MET A 126 -19.83 11.73 4.65
CA MET A 126 -19.81 12.89 3.77
C MET A 126 -19.04 14.02 4.41
N PHE A 127 -18.44 14.86 3.56
CA PHE A 127 -17.60 15.96 4.01
C PHE A 127 -18.01 17.22 3.29
N GLU A 128 -18.15 18.30 4.06
CA GLU A 128 -18.48 19.61 3.49
C GLU A 128 -17.23 20.25 2.89
N GLN A 129 -16.71 19.65 1.84
CA GLN A 129 -15.42 20.06 1.24
C GLN A 129 -15.53 21.46 0.65
N SER A 130 -16.72 21.93 0.30
CA SER A 130 -16.80 23.30 -0.20
C SER A 130 -16.37 24.31 0.85
N GLN A 131 -16.57 23.99 2.13
CA GLN A 131 -16.20 24.92 3.18
C GLN A 131 -14.68 25.07 3.26
N ALA A 132 -13.96 23.95 3.24
CA ALA A 132 -12.50 24.04 3.26
C ALA A 132 -11.96 24.62 1.96
N SER A 133 -12.57 24.29 0.83
CA SER A 133 -12.11 24.81 -0.45
C SER A 133 -12.29 26.30 -0.52
N TYR A 134 -13.37 26.82 0.08
CA TYR A 134 -13.55 28.26 0.14
C TYR A 134 -12.41 28.90 0.89
N LEU A 135 -12.03 28.33 2.04
CA LEU A 135 -10.98 28.94 2.85
C LEU A 135 -9.66 28.96 2.09
N VAL A 136 -9.33 27.88 1.38
CA VAL A 136 -8.07 27.91 0.64
C VAL A 136 -8.17 28.83 -0.58
N GLY A 137 -9.37 29.05 -1.10
CA GLY A 137 -9.55 30.02 -2.18
C GLY A 137 -9.30 31.43 -1.69
N LEU A 138 -9.69 31.72 -0.45
CA LEU A 138 -9.34 33.01 0.13
C LEU A 138 -7.82 33.17 0.18
N VAL A 139 -7.12 32.12 0.61
CA VAL A 139 -5.65 32.13 0.64
C VAL A 139 -5.09 32.41 -0.74
N ALA A 140 -5.54 31.67 -1.76
CA ALA A 140 -5.04 31.86 -3.10
C ALA A 140 -5.31 33.27 -3.60
N GLY A 141 -6.50 33.80 -3.35
CA GLY A 141 -6.81 35.13 -3.82
C GLY A 141 -5.95 36.20 -3.19
N LYS A 142 -5.58 36.01 -1.92
CA LYS A 142 -4.78 36.98 -1.20
C LYS A 142 -3.31 36.84 -1.51
N MET A 143 -2.85 35.65 -1.90
CA MET A 143 -1.43 35.44 -2.11
C MET A 143 -0.97 35.61 -3.56
N THR A 144 -1.88 35.53 -4.52
CA THR A 144 -1.45 35.67 -5.89
C THR A 144 -0.92 37.07 -6.15
N LYS A 145 0.15 37.13 -6.92
CA LYS A 145 0.71 38.41 -7.37
C LYS A 145 0.40 38.69 -8.83
N THR A 146 0.02 37.66 -9.57
CA THR A 146 -0.34 37.77 -10.98
C THR A 146 -1.84 37.86 -11.20
N ASN A 147 -2.63 37.68 -10.15
CA ASN A 147 -4.08 37.64 -10.25
C ASN A 147 -4.56 36.50 -11.14
N LYS A 148 -3.74 35.44 -11.26
CA LYS A 148 -4.15 34.23 -11.94
C LYS A 148 -3.76 33.08 -11.02
N VAL A 149 -4.74 32.24 -10.69
CA VAL A 149 -4.54 31.05 -9.89
C VAL A 149 -5.16 29.89 -10.66
N GLY A 150 -4.85 28.67 -10.21
CA GLY A 150 -5.28 27.49 -10.91
C GLY A 150 -6.02 26.53 -10.01
N PHE A 151 -6.83 25.69 -10.67
CA PHE A 151 -7.59 24.62 -10.04
C PHE A 151 -7.47 23.39 -10.94
N VAL A 152 -6.89 22.32 -10.41
CA VAL A 152 -6.77 21.04 -11.10
C VAL A 152 -7.64 20.05 -10.35
N VAL A 153 -8.71 19.58 -10.98
CA VAL A 153 -9.62 18.62 -10.37
C VAL A 153 -9.40 17.25 -10.99
N GLY A 154 -9.59 16.21 -10.18
CA GLY A 154 -9.30 14.87 -10.67
C GLY A 154 -10.35 14.35 -11.63
N MET A 155 -11.62 14.58 -11.32
CA MET A 155 -12.73 14.21 -12.17
C MET A 155 -13.80 15.25 -11.91
N VAL A 156 -14.79 15.30 -12.79
CA VAL A 156 -15.96 16.14 -12.58
C VAL A 156 -17.13 15.24 -12.15
N SER A 157 -17.81 15.66 -11.08
CA SER A 157 -18.97 15.00 -10.53
C SER A 157 -19.59 15.98 -9.56
N GLN A 158 -20.76 15.63 -9.02
CA GLN A 158 -21.39 16.52 -8.05
C GLN A 158 -20.44 16.80 -6.88
N THR A 159 -19.89 15.76 -6.26
CA THR A 159 -19.03 16.01 -5.12
C THR A 159 -17.75 16.75 -5.53
N MET A 160 -17.16 16.40 -6.67
CA MET A 160 -15.93 17.06 -7.06
C MET A 160 -16.16 18.53 -7.36
N ASN A 161 -17.31 18.86 -7.95
CA ASN A 161 -17.58 20.26 -8.26
C ASN A 161 -17.73 21.10 -7.00
N GLU A 162 -18.05 20.48 -5.85
CA GLU A 162 -18.12 21.23 -4.61
C GLU A 162 -16.77 21.83 -4.25
N PHE A 163 -15.67 21.14 -4.59
CA PHE A 163 -14.35 21.73 -4.40
C PHE A 163 -14.21 22.97 -5.28
N GLY A 164 -14.66 22.86 -6.53
CA GLY A 164 -14.51 23.99 -7.45
C GLY A 164 -15.34 25.19 -7.05
N TYR A 165 -16.61 24.96 -6.75
CA TYR A 165 -17.48 26.06 -6.36
C TYR A 165 -16.94 26.78 -5.14
N GLY A 166 -16.53 26.03 -4.12
CA GLY A 166 -15.96 26.65 -2.93
C GLY A 166 -14.69 27.43 -3.23
N TYR A 167 -13.77 26.82 -3.98
CA TYR A 167 -12.51 27.47 -4.25
C TYR A 167 -12.70 28.75 -5.04
N LEU A 168 -13.43 28.69 -6.15
CA LEU A 168 -13.61 29.90 -6.95
C LEU A 168 -14.32 30.98 -6.15
N ALA A 169 -15.30 30.61 -5.31
CA ALA A 169 -15.99 31.61 -4.49
C ALA A 169 -15.00 32.29 -3.53
N GLY A 170 -14.10 31.50 -2.94
CA GLY A 170 -13.11 32.07 -2.04
C GLY A 170 -12.13 32.98 -2.77
N VAL A 171 -11.65 32.52 -3.93
CA VAL A 171 -10.75 33.35 -4.71
C VAL A 171 -11.41 34.69 -5.03
N LYS A 172 -12.65 34.67 -5.55
CA LYS A 172 -13.29 35.91 -5.97
C LYS A 172 -13.66 36.79 -4.79
N ASP A 173 -14.04 36.20 -3.65
CA ASP A 173 -14.37 37.02 -2.50
C ASP A 173 -13.13 37.72 -1.97
N ALA A 174 -11.98 37.05 -2.00
CA ALA A 174 -10.74 37.66 -1.55
C ALA A 174 -10.15 38.59 -2.59
N ASN A 175 -10.45 38.38 -3.86
CA ASN A 175 -9.77 39.07 -4.95
C ASN A 175 -10.71 39.06 -6.16
N PRO A 176 -11.55 40.08 -6.26
CA PRO A 176 -12.53 40.12 -7.36
C PRO A 176 -11.92 40.13 -8.73
N ASN A 177 -10.65 40.48 -8.86
CA ASN A 177 -10.02 40.61 -10.16
C ASN A 177 -9.16 39.41 -10.53
N ALA A 178 -9.22 38.34 -9.75
CA ALA A 178 -8.41 37.17 -10.01
C ALA A 178 -9.10 36.26 -11.02
N THR A 179 -8.30 35.67 -11.91
CA THR A 179 -8.75 34.67 -12.86
C THR A 179 -8.36 33.30 -12.33
N ILE A 180 -9.26 32.34 -12.45
CA ILE A 180 -8.99 30.96 -12.05
C ILE A 180 -8.92 30.09 -13.31
N LEU A 181 -7.72 29.63 -13.61
CA LEU A 181 -7.50 28.65 -14.67
C LEU A 181 -7.88 27.28 -14.14
N GLN A 182 -8.52 26.48 -15.00
CA GLN A 182 -9.17 25.27 -14.56
C GLN A 182 -8.86 24.12 -15.50
N PHE A 183 -8.68 22.93 -14.92
CA PHE A 183 -8.40 21.75 -15.73
C PHE A 183 -8.93 20.51 -15.03
N ASN A 184 -9.60 19.65 -15.79
CA ASN A 184 -10.07 18.35 -15.33
C ASN A 184 -9.12 17.29 -15.86
N ALA A 185 -8.39 16.63 -14.95
CA ALA A 185 -7.41 15.64 -15.32
C ALA A 185 -8.04 14.34 -15.77
N ASN A 186 -9.31 14.12 -15.44
CA ASN A 186 -9.98 12.85 -15.74
C ASN A 186 -9.22 11.65 -15.17
N SER A 187 -8.55 11.86 -14.04
CA SER A 187 -7.85 10.79 -13.35
C SER A 187 -7.43 11.26 -11.98
N PHE A 188 -7.52 10.36 -11.01
CA PHE A 188 -7.00 10.59 -9.68
C PHE A 188 -5.64 9.95 -9.49
N SER A 189 -5.05 9.37 -10.53
CA SER A 189 -3.81 8.62 -10.38
C SER A 189 -2.89 8.84 -11.55
N SER A 190 -2.80 10.09 -12.03
CA SER A 190 -1.93 10.42 -13.15
C SER A 190 -1.05 11.61 -12.78
N THR A 191 0.12 11.32 -12.20
CA THR A 191 1.01 12.40 -11.80
C THR A 191 1.52 13.18 -13.00
N GLU A 192 1.71 12.53 -14.16
CA GLU A 192 2.18 13.25 -15.35
C GLU A 192 1.14 14.27 -15.79
N THR A 193 -0.14 13.90 -15.77
CA THR A 193 -1.19 14.83 -16.13
C THR A 193 -1.20 16.02 -15.18
N GLY A 194 -1.05 15.76 -13.88
CA GLY A 194 -1.03 16.84 -12.91
C GLY A 194 0.14 17.78 -13.11
N LYS A 195 1.32 17.23 -13.33
CA LYS A 195 2.50 18.06 -13.51
C LYS A 195 2.40 18.89 -14.78
N SER A 196 2.02 18.26 -15.88
CA SER A 196 1.87 18.96 -17.15
C SER A 196 0.82 20.07 -17.05
N ALA A 197 -0.32 19.81 -16.44
CA ALA A 197 -1.36 20.83 -16.36
C ALA A 197 -0.90 22.00 -15.50
N ALA A 198 -0.26 21.71 -14.37
CA ALA A 198 0.28 22.78 -13.53
C ALA A 198 1.33 23.60 -14.28
N THR A 199 2.23 22.94 -14.98
CA THR A 199 3.27 23.67 -15.70
C THR A 199 2.66 24.58 -16.75
N THR A 200 1.65 24.10 -17.48
CA THR A 200 1.01 24.94 -18.48
C THR A 200 0.32 26.13 -17.82
N MET A 201 -0.38 25.91 -16.70
CA MET A 201 -1.02 27.02 -16.01
C MET A 201 0.00 28.06 -15.59
N ILE A 202 1.14 27.61 -15.06
CA ILE A 202 2.20 28.51 -14.64
C ILE A 202 2.80 29.28 -15.82
N THR A 203 3.01 28.59 -16.95
CA THR A 203 3.47 29.28 -18.16
C THR A 203 2.50 30.39 -18.56
N ASN A 204 1.22 30.20 -18.29
CA ASN A 204 0.19 31.17 -18.62
C ASN A 204 -0.11 32.12 -17.48
N GLY A 205 0.74 32.16 -16.45
CA GLY A 205 0.72 33.22 -15.46
C GLY A 205 0.19 32.84 -14.09
N ALA A 206 -0.26 31.61 -13.88
CA ALA A 206 -0.75 31.24 -12.56
C ALA A 206 0.41 31.17 -11.58
N ASP A 207 0.18 31.62 -10.35
CA ASP A 207 1.23 31.51 -9.34
C ASP A 207 0.78 30.82 -8.06
N VAL A 208 -0.48 30.37 -7.98
CA VAL A 208 -0.99 29.52 -6.92
C VAL A 208 -1.88 28.49 -7.60
N ILE A 209 -1.65 27.21 -7.32
CA ILE A 209 -2.48 26.16 -7.89
C ILE A 209 -2.97 25.25 -6.77
N PHE A 210 -4.30 25.11 -6.68
CA PHE A 210 -4.97 24.16 -5.79
C PHE A 210 -5.35 22.94 -6.61
N HIS A 211 -5.12 21.77 -6.04
CA HIS A 211 -5.62 20.55 -6.65
C HIS A 211 -6.64 19.87 -5.75
N ALA A 212 -7.66 19.30 -6.37
CA ALA A 212 -8.54 18.33 -5.72
C ALA A 212 -8.53 17.11 -6.62
N ALA A 213 -7.39 16.43 -6.65
CA ALA A 213 -7.12 15.45 -7.69
C ALA A 213 -6.40 14.21 -7.17
N GLY A 214 -6.45 13.98 -5.86
CA GLY A 214 -5.85 12.76 -5.35
C GLY A 214 -4.40 12.63 -5.75
N GLY A 215 -4.04 11.43 -6.19
CA GLY A 215 -2.65 11.16 -6.54
C GLY A 215 -2.14 12.00 -7.68
N THR A 216 -3.01 12.40 -8.60
CA THR A 216 -2.65 13.34 -9.66
C THR A 216 -2.05 14.60 -9.06
N GLY A 217 -2.49 14.98 -7.87
CA GLY A 217 -1.99 16.16 -7.20
C GLY A 217 -0.53 16.09 -6.83
N LEU A 218 0.02 14.89 -6.69
CA LEU A 218 1.45 14.81 -6.45
C LEU A 218 2.22 15.45 -7.59
N GLY A 219 1.72 15.26 -8.82
CA GLY A 219 2.32 15.93 -9.96
C GLY A 219 2.07 17.42 -9.96
N VAL A 220 0.87 17.85 -9.56
CA VAL A 220 0.59 19.28 -9.49
C VAL A 220 1.56 19.96 -8.55
N ILE A 221 1.75 19.38 -7.36
CA ILE A 221 2.64 19.95 -6.36
C ILE A 221 4.06 20.00 -6.87
N GLU A 222 4.53 18.93 -7.51
CA GLU A 222 5.88 18.92 -8.07
CA GLU A 222 5.88 18.92 -8.05
C GLU A 222 6.03 19.98 -9.14
N GLY A 223 4.99 20.18 -9.95
CA GLY A 223 5.07 21.20 -10.97
C GLY A 223 5.23 22.59 -10.38
N CYS A 224 4.48 22.86 -9.31
CA CYS A 224 4.60 24.15 -8.62
C CYS A 224 5.99 24.29 -8.00
N LYS A 225 6.46 23.26 -7.31
CA LYS A 225 7.77 23.31 -6.67
C LYS A 225 8.86 23.57 -7.72
N ASP A 226 8.81 22.83 -8.82
CA ASP A 226 9.82 22.97 -9.88
C ASP A 226 9.85 24.40 -10.44
N ALA A 227 8.71 25.05 -10.54
CA ALA A 227 8.61 26.38 -11.12
C ALA A 227 8.71 27.49 -10.09
N GLY A 228 8.90 27.16 -8.81
CA GLY A 228 9.00 28.16 -7.78
C GLY A 228 7.71 28.88 -7.49
N LYS A 229 6.58 28.21 -7.63
CA LYS A 229 5.28 28.82 -7.37
C LYS A 229 4.63 28.15 -6.17
N TRP A 230 3.45 28.65 -5.83
CA TRP A 230 2.72 28.16 -4.68
C TRP A 230 1.74 27.07 -5.07
N ALA A 231 1.63 26.07 -4.21
CA ALA A 231 0.63 25.03 -4.31
C ALA A 231 -0.25 25.01 -3.07
N ILE A 232 -1.47 24.51 -3.26
CA ILE A 232 -2.39 24.24 -2.18
C ILE A 232 -2.80 22.78 -2.33
N GLY A 233 -2.63 22.03 -1.25
CA GLY A 233 -2.94 20.61 -1.24
C GLY A 233 -4.35 20.33 -0.73
N VAL A 234 -4.59 19.04 -0.49
CA VAL A 234 -5.96 18.58 -0.21
C VAL A 234 -5.90 17.29 0.59
N ASP A 235 -6.98 17.04 1.35
CA ASP A 235 -7.26 15.85 2.14
C ASP A 235 -6.43 15.84 3.42
N SER A 236 -5.12 15.69 3.27
CA SER A 236 -4.21 15.71 4.39
C SER A 236 -3.34 16.96 4.31
N ASP A 237 -2.53 17.17 5.36
CA ASP A 237 -1.57 18.27 5.39
C ASP A 237 -0.44 17.90 4.44
N GLN A 238 -0.51 18.39 3.20
CA GLN A 238 0.45 17.97 2.19
C GLN A 238 1.74 18.76 2.23
N SER A 239 1.92 19.66 3.19
CA SER A 239 3.12 20.48 3.20
C SER A 239 4.44 19.70 3.18
N PRO A 240 4.54 18.52 3.82
CA PRO A 240 5.84 17.81 3.76
C PRO A 240 6.31 17.49 2.35
N LEU A 241 5.40 17.41 1.39
CA LEU A 241 5.79 17.12 0.00
C LEU A 241 6.51 18.29 -0.66
N ALA A 242 6.35 19.50 -0.13
CA ALA A 242 6.98 20.69 -0.70
C ALA A 242 6.89 21.81 0.33
N PRO A 243 7.66 21.75 1.41
CA PRO A 243 7.43 22.66 2.54
C PRO A 243 7.64 24.13 2.22
N GLU A 244 8.45 24.45 1.21
CA GLU A 244 8.68 25.84 0.84
C GLU A 244 7.68 26.33 -0.19
N ASN A 245 6.82 25.44 -0.70
CA ASN A 245 5.91 25.80 -1.78
C ASN A 245 4.45 25.59 -1.48
N ILE A 246 4.10 24.84 -0.44
CA ILE A 246 2.70 24.63 -0.09
C ILE A 246 2.27 25.76 0.84
N LEU A 247 1.19 26.44 0.48
CA LEU A 247 0.64 27.49 1.33
C LEU A 247 -0.24 26.92 2.43
N THR A 248 -1.04 25.92 2.10
CA THR A 248 -1.99 25.27 3.00
C THR A 248 -2.55 24.07 2.25
N SER A 249 -3.45 23.34 2.89
CA SER A 249 -4.20 22.26 2.27
C SER A 249 -5.64 22.34 2.76
N ALA A 250 -6.57 21.98 1.88
CA ALA A 250 -7.99 21.85 2.23
C ALA A 250 -8.18 20.46 2.82
N MET A 251 -8.14 20.39 4.15
CA MET A 251 -8.15 19.12 4.85
C MET A 251 -9.53 18.49 4.80
N LYS A 252 -9.55 17.17 4.66
CA LYS A 252 -10.77 16.37 4.70
C LYS A 252 -10.39 15.12 5.47
N ARG A 253 -10.90 15.01 6.70
CA ARG A 253 -10.39 14.03 7.66
C ARG A 253 -11.04 12.66 7.46
N VAL A 254 -10.76 12.08 6.29
CA VAL A 254 -11.20 10.72 6.00
C VAL A 254 -10.56 9.75 6.98
N ASP A 255 -9.35 10.07 7.47
CA ASP A 255 -8.73 9.24 8.49
C ASP A 255 -9.59 9.15 9.74
N ASN A 256 -10.05 10.30 10.24
CA ASN A 256 -10.88 10.30 11.44
C ASN A 256 -12.22 9.64 11.20
N ALA A 257 -12.79 9.79 10.01
CA ALA A 257 -14.07 9.17 9.74
C ALA A 257 -13.96 7.65 9.71
N CYS A 258 -12.87 7.13 9.13
CA CYS A 258 -12.64 5.70 9.12
C CYS A 258 -12.36 5.17 10.52
N PHE A 259 -11.60 5.92 11.32
CA PHE A 259 -11.37 5.53 12.71
C PHE A 259 -12.69 5.48 13.46
N ASP A 260 -13.53 6.50 13.27
CA ASP A 260 -14.75 6.59 14.04
C ASP A 260 -15.72 5.48 13.69
N ILE A 261 -15.82 5.11 12.40
CA ILE A 261 -16.72 4.02 12.05
C ILE A 261 -16.15 2.68 12.50
N ALA A 262 -14.82 2.53 12.50
CA ALA A 262 -14.23 1.33 13.07
C ALA A 262 -14.56 1.20 14.56
N LYS A 263 -14.51 2.33 15.28
CA LYS A 263 -14.89 2.35 16.68
C LYS A 263 -16.34 1.91 16.85
N ALA A 264 -17.22 2.40 15.98
CA ALA A 264 -18.63 2.04 16.08
C ALA A 264 -18.83 0.56 15.84
N VAL A 265 -18.07 -0.01 14.90
CA VAL A 265 -18.16 -1.45 14.66
C VAL A 265 -17.74 -2.21 15.91
N LYS A 266 -16.63 -1.78 16.51
CA LYS A 266 -16.11 -2.49 17.68
C LYS A 266 -17.09 -2.40 18.84
N GLU A 267 -17.71 -1.25 19.02
CA GLU A 267 -18.67 -1.02 20.11
C GLU A 267 -20.05 -1.59 19.81
N GLY A 268 -20.29 -1.99 18.57
CA GLY A 268 -21.59 -2.52 18.20
C GLY A 268 -22.67 -1.47 18.04
N ASN A 269 -22.32 -0.26 17.58
CA ASN A 269 -23.31 0.80 17.43
C ASN A 269 -23.22 1.51 16.08
N VAL A 270 -22.85 0.78 15.02
CA VAL A 270 -22.88 1.37 13.69
C VAL A 270 -24.32 1.75 13.37
N LYS A 271 -24.50 2.96 12.85
CA LYS A 271 -25.80 3.42 12.39
C LYS A 271 -25.73 3.65 10.89
N PRO A 272 -26.70 3.19 10.12
CA PRO A 272 -26.75 3.55 8.70
C PRO A 272 -27.21 4.99 8.54
N GLY A 273 -27.15 5.46 7.31
CA GLY A 273 -27.53 6.82 6.99
C GLY A 273 -26.32 7.71 6.77
N ILE A 274 -26.58 9.01 6.79
CA ILE A 274 -25.59 10.00 6.42
C ILE A 274 -24.96 10.60 7.67
N ILE A 275 -23.64 10.67 7.67
CA ILE A 275 -22.84 11.37 8.68
C ILE A 275 -22.09 12.45 7.93
N THR A 276 -22.25 13.70 8.32
CA THR A 276 -21.64 14.81 7.62
C THR A 276 -20.60 15.48 8.51
N TYR A 277 -19.40 15.63 7.97
CA TYR A 277 -18.28 16.25 8.66
C TYR A 277 -18.09 17.63 8.07
N ASP A 278 -18.09 18.65 8.91
CA ASP A 278 -17.93 20.02 8.44
C ASP A 278 -16.88 20.78 9.24
N LEU A 279 -16.75 22.08 8.99
CA LEU A 279 -15.77 22.88 9.72
C LEU A 279 -16.01 22.85 11.21
N LYS A 280 -17.28 22.97 11.62
CA LYS A 280 -17.59 22.99 13.05
C LYS A 280 -17.17 21.69 13.74
N SER A 281 -17.28 20.56 13.04
CA SER A 281 -16.90 19.29 13.64
C SER A 281 -15.42 18.99 13.49
N ALA A 282 -14.65 19.88 12.86
CA ALA A 282 -13.24 19.69 12.56
C ALA A 282 -13.00 18.58 11.54
N GLY A 283 -14.05 18.14 10.85
CA GLY A 283 -13.90 17.14 9.81
C GLY A 283 -13.36 17.65 8.50
N VAL A 284 -13.50 18.95 8.25
CA VAL A 284 -12.76 19.63 7.20
C VAL A 284 -12.13 20.84 7.88
N ASP A 285 -11.07 21.36 7.26
CA ASP A 285 -10.31 22.44 7.87
C ASP A 285 -9.25 22.91 6.88
N ILE A 286 -8.55 23.97 7.24
CA ILE A 286 -7.28 24.25 6.62
C ILE A 286 -6.20 23.52 7.42
N ALA A 287 -5.03 23.37 6.80
CA ALA A 287 -3.99 22.58 7.41
C ALA A 287 -3.46 23.22 8.69
N PRO A 288 -2.96 22.41 9.61
CA PRO A 288 -2.35 22.96 10.83
C PRO A 288 -1.01 23.63 10.59
N THR A 289 -0.34 23.34 9.47
CA THR A 289 0.89 24.01 9.10
C THR A 289 0.55 25.32 8.40
N THR A 290 1.04 26.43 8.96
CA THR A 290 0.75 27.77 8.47
C THR A 290 2.02 28.57 8.21
N THR A 291 3.17 27.90 8.19
CA THR A 291 4.46 28.56 8.11
C THR A 291 4.59 29.55 6.96
N ASN A 292 3.93 29.29 5.83
CA ASN A 292 4.10 30.15 4.67
C ASN A 292 2.98 31.17 4.53
N LEU A 293 2.09 31.27 5.51
CA LEU A 293 0.99 32.24 5.46
C LEU A 293 1.35 33.49 6.23
N PRO A 294 1.37 34.65 5.58
CA PRO A 294 1.51 35.91 6.33
C PRO A 294 0.44 36.01 7.40
N LYS A 295 0.79 36.66 8.51
CA LYS A 295 -0.15 36.75 9.63
C LYS A 295 -1.46 37.39 9.18
N GLU A 296 -1.40 38.41 8.32
CA GLU A 296 -2.61 39.06 7.84
C GLU A 296 -3.52 38.07 7.12
N VAL A 297 -2.94 37.15 6.36
CA VAL A 297 -3.74 36.19 5.61
C VAL A 297 -4.34 35.17 6.55
N LEU A 298 -3.55 34.63 7.47
CA LEU A 298 -4.05 33.66 8.42
C LEU A 298 -5.20 34.23 9.23
N ASP A 299 -5.05 35.46 9.74
CA ASP A 299 -6.11 36.09 10.50
C ASP A 299 -7.39 36.21 9.66
N TYR A 300 -7.24 36.62 8.39
CA TYR A 300 -8.39 36.78 7.50
C TYR A 300 -9.08 35.44 7.26
N VAL A 301 -8.31 34.39 6.99
CA VAL A 301 -8.92 33.09 6.74
C VAL A 301 -9.56 32.56 8.02
N ASN A 302 -8.91 32.75 9.16
CA ASN A 302 -9.48 32.24 10.41
C ASN A 302 -10.80 32.91 10.74
N GLN A 303 -10.92 34.20 10.45
CA GLN A 303 -12.20 34.87 10.67
C GLN A 303 -13.28 34.31 9.75
N ALA A 304 -12.94 34.05 8.49
CA ALA A 304 -13.91 33.46 7.59
C ALA A 304 -14.32 32.07 8.06
N LYS A 305 -13.37 31.30 8.60
CA LYS A 305 -13.69 29.99 9.13
C LYS A 305 -14.71 30.08 10.26
N GLN A 306 -14.49 30.99 11.22
CA GLN A 306 -15.45 31.14 12.31
C GLN A 306 -16.80 31.64 11.80
N ASP A 307 -16.80 32.49 10.77
CA ASP A 307 -18.07 32.95 10.19
C ASP A 307 -18.86 31.81 9.56
N ILE A 308 -18.18 30.86 8.90
CA ILE A 308 -18.88 29.68 8.40
C ILE A 308 -19.36 28.83 9.56
N ILE A 309 -18.48 28.56 10.54
CA ILE A 309 -18.86 27.72 11.67
C ILE A 309 -20.07 28.29 12.39
N ASN A 310 -20.08 29.60 12.59
CA ASN A 310 -21.15 30.23 13.35
C ASN A 310 -22.41 30.47 12.53
N GLY A 311 -22.35 30.21 11.24
CA GLY A 311 -23.51 30.34 10.39
C GLY A 311 -23.65 31.69 9.71
N LYS A 312 -22.68 32.60 9.92
CA LYS A 312 -22.81 33.94 9.36
C LYS A 312 -22.86 33.89 7.84
N ILE A 313 -22.03 33.05 7.23
CA ILE A 313 -21.96 32.95 5.78
C ILE A 313 -22.03 31.49 5.36
N THR A 314 -22.51 31.27 4.14
CA THR A 314 -22.67 29.96 3.56
C THR A 314 -21.99 29.97 2.20
N VAL A 315 -21.32 28.88 1.90
CA VAL A 315 -20.56 28.73 0.66
C VAL A 315 -21.45 28.02 -0.35
N PRO A 316 -21.54 28.48 -1.58
CA PRO A 316 -22.34 27.76 -2.59
C PRO A 316 -21.69 26.42 -2.89
N LYS A 317 -22.51 25.38 -3.03
CA LYS A 317 -21.97 24.07 -3.34
C LYS A 317 -22.71 23.38 -4.47
N THR A 318 -23.61 24.08 -5.16
CA THR A 318 -24.29 23.56 -6.32
C THR A 318 -24.19 24.56 -7.47
N LYS A 319 -24.44 24.06 -8.67
CA LYS A 319 -24.26 24.87 -9.87
C LYS A 319 -25.12 26.12 -9.80
N ALA A 320 -26.41 25.96 -9.46
CA ALA A 320 -27.33 27.11 -9.46
C ALA A 320 -26.92 28.13 -8.40
N GLU A 321 -26.57 27.68 -7.20
CA GLU A 321 -26.17 28.62 -6.16
C GLU A 321 -24.89 29.36 -6.56
N PHE A 322 -23.92 28.64 -7.12
CA PHE A 322 -22.67 29.29 -7.51
C PHE A 322 -22.90 30.30 -8.62
N GLU A 323 -23.62 29.92 -9.66
CA GLU A 323 -23.81 30.82 -10.79
C GLU A 323 -24.58 32.06 -10.38
N ALA A 324 -25.52 31.92 -9.43
CA ALA A 324 -26.32 33.06 -9.02
C ALA A 324 -25.46 34.16 -8.43
N LYS A 325 -24.32 33.82 -7.84
CA LYS A 325 -23.46 34.80 -7.20
C LYS A 325 -22.24 35.14 -8.03
N TYR A 326 -21.70 34.19 -8.80
CA TYR A 326 -20.43 34.37 -9.49
C TYR A 326 -20.52 34.24 -10.99
N GLY A 327 -21.71 33.98 -11.53
CA GLY A 327 -21.84 33.90 -12.98
C GLY A 327 -21.25 32.61 -13.52
N ASN A 328 -20.79 32.63 -14.77
CA ASN A 328 -20.31 31.49 -15.55
C ASN A 328 -18.84 31.17 -15.36
N ILE A 329 -18.21 31.53 -14.24
CA ILE A 329 -16.75 31.45 -14.21
C ILE A 329 -16.21 30.04 -13.98
N TYR A 330 -17.02 29.10 -13.50
CA TYR A 330 -16.59 27.71 -13.39
C TYR A 330 -16.91 27.00 -14.70
N GLU A 331 -15.87 26.55 -15.38
CA GLU A 331 -15.96 26.08 -16.75
C GLU A 331 -15.99 24.56 -16.84
N LEU A 332 -15.84 23.85 -15.72
CA LEU A 332 -15.71 22.40 -15.79
C LEU A 332 -17.04 21.68 -15.66
N ASP A 333 -18.11 22.39 -15.34
CA ASP A 333 -19.42 21.81 -15.07
C ASP A 333 -20.38 22.01 -16.22
N ASP A 334 -19.89 22.39 -17.39
CA ASP A 334 -20.77 22.74 -18.50
C ASP A 334 -20.59 21.78 -19.65
N GLY B 22 18.30 21.77 1.37
CA GLY B 22 19.38 20.81 1.52
C GLY B 22 19.17 19.54 0.73
N LYS B 23 20.19 18.68 0.71
CA LYS B 23 20.12 17.43 -0.06
C LYS B 23 19.37 16.38 0.74
N LYS B 24 18.28 15.88 0.18
CA LYS B 24 17.48 14.84 0.82
C LYS B 24 17.86 13.50 0.21
N ILE B 25 17.76 12.46 1.02
CA ILE B 25 17.98 11.09 0.56
C ILE B 25 16.64 10.48 0.19
N LYS B 26 16.56 9.88 -1.00
CA LYS B 26 15.34 9.28 -1.49
C LYS B 26 15.62 7.85 -1.92
N ILE B 27 14.79 6.93 -1.44
CA ILE B 27 14.90 5.51 -1.75
C ILE B 27 13.64 5.07 -2.48
N GLY B 28 13.82 4.43 -3.62
CA GLY B 28 12.71 3.93 -4.41
C GLY B 28 12.72 2.41 -4.43
N MET B 29 11.53 1.85 -4.44
CA MET B 29 11.34 0.41 -4.46
C MET B 29 10.47 0.05 -5.66
N VAL B 30 10.94 -0.89 -6.47
CA VAL B 30 10.17 -1.42 -7.58
C VAL B 30 9.76 -2.83 -7.20
N THR B 31 8.47 -3.07 -7.10
CA THR B 31 8.00 -4.38 -6.70
C THR B 31 7.56 -5.14 -7.92
N ASP B 32 7.54 -6.44 -7.74
CA ASP B 32 7.10 -7.33 -8.78
C ASP B 32 5.59 -7.42 -8.73
N VAL B 33 5.07 -8.39 -9.48
CA VAL B 33 3.65 -8.51 -9.68
C VAL B 33 2.90 -8.85 -8.39
N GLY B 34 3.59 -9.33 -7.37
CA GLY B 34 2.92 -9.62 -6.10
C GLY B 34 2.24 -8.41 -5.50
N GLY B 35 2.91 -7.26 -5.46
CA GLY B 35 2.41 -6.03 -4.85
C GLY B 35 2.78 -5.88 -3.37
N VAL B 36 2.77 -4.62 -2.89
CA VAL B 36 3.16 -4.34 -1.50
C VAL B 36 2.08 -4.80 -0.53
N ASN B 37 0.97 -5.28 -1.08
CA ASN B 37 -0.14 -5.78 -0.28
C ASN B 37 -0.19 -7.30 -0.24
N ASP B 38 0.95 -7.95 -0.42
CA ASP B 38 0.96 -9.39 -0.62
C ASP B 38 1.01 -10.19 0.67
N GLY B 39 1.05 -9.52 1.83
CA GLY B 39 1.09 -10.18 3.14
C GLY B 39 2.39 -10.92 3.42
N SER B 40 3.39 -10.72 2.58
CA SER B 40 4.62 -11.50 2.72
C SER B 40 5.85 -10.73 2.20
N PHE B 41 6.32 -11.00 0.98
CA PHE B 41 7.63 -10.56 0.48
C PHE B 41 7.67 -9.05 0.21
N ASN B 42 6.85 -8.57 -0.70
CA ASN B 42 6.90 -7.15 -1.02
C ASN B 42 6.43 -6.32 0.15
N GLN B 43 5.45 -6.81 0.90
CA GLN B 43 4.97 -6.08 2.07
C GLN B 43 6.09 -5.90 3.08
N SER B 44 6.87 -6.95 3.30
CA SER B 44 7.95 -6.84 4.28
C SER B 44 9.03 -5.89 3.79
N ALA B 45 9.38 -5.95 2.52
CA ALA B 45 10.39 -5.04 2.00
C ALA B 45 9.97 -3.60 2.21
N TRP B 46 8.72 -3.29 1.87
CA TRP B 46 8.21 -1.94 2.03
C TRP B 46 8.12 -1.56 3.51
N GLU B 47 7.72 -2.48 4.39
CA GLU B 47 7.69 -2.18 5.82
C GLU B 47 9.07 -1.75 6.30
N GLY B 48 10.14 -2.37 5.80
CA GLY B 48 11.47 -1.95 6.17
C GLY B 48 11.78 -0.53 5.74
N LEU B 49 11.32 -0.14 4.55
CA LEU B 49 11.53 1.24 4.13
C LEU B 49 10.66 2.22 4.94
N GLN B 50 9.44 1.83 5.29
CA GLN B 50 8.64 2.69 6.16
C GLN B 50 9.38 2.93 7.48
N ARG B 51 9.98 1.89 8.05
CA ARG B 51 10.78 2.06 9.25
C ARG B 51 11.96 2.99 9.01
N ALA B 52 12.61 2.88 7.84
CA ALA B 52 13.73 3.74 7.53
C ALA B 52 13.31 5.19 7.45
N GLN B 53 12.14 5.45 6.87
CA GLN B 53 11.65 6.82 6.84
C GLN B 53 11.47 7.36 8.25
N LYS B 54 10.90 6.54 9.15
CA LYS B 54 10.58 7.02 10.48
C LYS B 54 11.83 7.21 11.32
N GLU B 55 12.82 6.31 11.18
CA GLU B 55 13.98 6.32 12.04
C GLU B 55 15.16 7.10 11.48
N LEU B 56 15.23 7.21 10.15
CA LEU B 56 16.36 7.84 9.47
C LEU B 56 16.01 9.10 8.70
N GLY B 57 14.74 9.33 8.37
CA GLY B 57 14.36 10.52 7.63
C GLY B 57 14.55 10.43 6.13
N VAL B 58 14.90 9.27 5.61
CA VAL B 58 14.92 9.08 4.16
C VAL B 58 13.49 9.12 3.63
N GLU B 59 13.32 9.68 2.44
CA GLU B 59 12.04 9.65 1.74
C GLU B 59 11.96 8.33 0.97
N VAL B 60 10.83 7.64 1.09
CA VAL B 60 10.67 6.32 0.49
C VAL B 60 9.40 6.28 -0.33
N ARG B 61 9.47 5.59 -1.47
CA ARG B 61 8.36 5.48 -2.40
C ARG B 61 8.48 4.14 -3.12
N TYR B 62 7.33 3.57 -3.46
CA TYR B 62 7.32 2.34 -4.23
C TYR B 62 6.57 2.53 -5.54
N ALA B 63 6.91 1.66 -6.50
CA ALA B 63 6.22 1.56 -7.77
C ALA B 63 5.94 0.10 -8.00
N GLU B 64 4.67 -0.27 -8.17
CA GLU B 64 4.33 -1.66 -8.41
C GLU B 64 4.31 -1.91 -9.91
N SER B 65 4.71 -3.13 -10.28
CA SER B 65 4.76 -3.54 -11.67
C SER B 65 3.60 -4.48 -11.93
N ALA B 66 2.69 -4.10 -12.84
CA ALA B 66 1.61 -5.01 -13.21
C ALA B 66 2.11 -6.17 -14.05
N THR B 67 3.12 -5.93 -14.87
CA THR B 67 3.74 -6.97 -15.67
C THR B 67 5.23 -6.60 -15.80
N ASP B 68 5.98 -7.48 -16.45
CA ASP B 68 7.39 -7.20 -16.68
C ASP B 68 7.60 -6.01 -17.62
N ALA B 69 6.56 -5.58 -18.33
CA ALA B 69 6.70 -4.37 -19.14
C ALA B 69 6.85 -3.13 -18.28
N ASP B 70 6.53 -3.22 -17.00
CA ASP B 70 6.63 -2.06 -16.12
C ASP B 70 7.96 -1.96 -15.41
N TYR B 71 8.81 -2.99 -15.47
CA TYR B 71 10.07 -2.94 -14.74
C TYR B 71 10.91 -1.75 -15.20
N ALA B 72 11.18 -1.68 -16.49
CA ALA B 72 12.04 -0.62 -17.01
C ALA B 72 11.47 0.76 -16.76
N PRO B 73 10.20 1.04 -17.05
CA PRO B 73 9.68 2.40 -16.79
C PRO B 73 9.64 2.75 -15.33
N ASN B 74 9.38 1.78 -14.43
CA ASN B 74 9.40 2.08 -13.01
C ASN B 74 10.81 2.45 -12.56
N ILE B 75 11.83 1.73 -13.03
CA ILE B 75 13.21 2.13 -12.75
C ILE B 75 13.50 3.51 -13.31
N GLU B 76 13.13 3.74 -14.58
CA GLU B 76 13.33 5.03 -15.24
C GLU B 76 12.74 6.18 -14.43
N ALA B 77 11.55 5.99 -13.87
CA ALA B 77 10.91 7.08 -13.14
C ALA B 77 11.75 7.49 -11.94
N PHE B 78 12.32 6.52 -11.24
CA PHE B 78 13.15 6.82 -10.07
C PHE B 78 14.46 7.48 -10.50
N ILE B 79 15.07 6.99 -11.59
CA ILE B 79 16.26 7.64 -12.11
C ILE B 79 15.96 9.09 -12.48
N ASP B 80 14.84 9.31 -13.18
CA ASP B 80 14.52 10.66 -13.64
C ASP B 80 14.35 11.64 -12.48
N GLU B 81 13.90 11.16 -11.32
CA GLU B 81 13.70 11.99 -10.15
C GLU B 81 14.89 11.99 -9.19
N GLY B 82 16.02 11.41 -9.60
CA GLY B 82 17.22 11.55 -8.83
C GLY B 82 17.25 10.76 -7.54
N TYR B 83 16.59 9.61 -7.52
CA TYR B 83 16.60 8.78 -6.33
C TYR B 83 18.01 8.25 -6.06
N ASP B 84 18.38 8.19 -4.79
CA ASP B 84 19.73 7.78 -4.40
C ASP B 84 19.93 6.28 -4.44
N LEU B 85 18.86 5.50 -4.34
CA LEU B 85 18.93 4.05 -4.42
C LEU B 85 17.61 3.56 -4.97
N ILE B 86 17.68 2.58 -5.86
CA ILE B 86 16.50 1.90 -6.39
C ILE B 86 16.62 0.43 -5.98
N ILE B 87 15.66 -0.04 -5.19
CA ILE B 87 15.62 -1.42 -4.72
C ILE B 87 14.64 -2.18 -5.60
N CYS B 88 15.14 -3.16 -6.32
CA CYS B 88 14.33 -4.02 -7.17
C CYS B 88 14.03 -5.29 -6.40
N VAL B 89 12.76 -5.54 -6.14
CA VAL B 89 12.34 -6.61 -5.24
C VAL B 89 11.94 -7.83 -6.06
N GLY B 90 12.85 -8.80 -6.12
CA GLY B 90 12.54 -10.07 -6.73
C GLY B 90 13.47 -10.45 -7.86
N TYR B 91 13.68 -11.75 -8.01
CA TYR B 91 14.64 -12.23 -9.01
C TYR B 91 14.18 -11.94 -10.44
N MET B 92 12.89 -11.78 -10.66
CA MET B 92 12.44 -11.58 -12.02
C MET B 92 12.85 -10.21 -12.57
N LEU B 93 13.27 -9.29 -11.69
CA LEU B 93 13.74 -7.98 -12.11
C LEU B 93 15.21 -7.97 -12.49
N ALA B 94 15.87 -9.13 -12.52
CA ALA B 94 17.32 -9.13 -12.72
C ALA B 94 17.72 -8.56 -14.09
N ASP B 95 17.07 -8.98 -15.17
CA ASP B 95 17.47 -8.53 -16.49
C ASP B 95 17.28 -7.01 -16.62
N ALA B 96 16.14 -6.48 -16.16
CA ALA B 96 15.91 -5.05 -16.22
C ALA B 96 16.90 -4.30 -15.34
N THR B 97 17.25 -4.86 -14.20
CA THR B 97 18.18 -4.20 -13.30
C THR B 97 19.57 -4.17 -13.92
N ARG B 98 19.98 -5.27 -14.54
CA ARG B 98 21.28 -5.32 -15.18
C ARG B 98 21.38 -4.26 -16.27
N LYS B 99 20.35 -4.19 -17.14
CA LYS B 99 20.39 -3.23 -18.24
C LYS B 99 20.43 -1.82 -17.70
N ALA B 100 19.62 -1.53 -16.69
CA ALA B 100 19.62 -0.17 -16.15
C ALA B 100 20.93 0.16 -15.47
N ALA B 101 21.50 -0.80 -14.72
CA ALA B 101 22.73 -0.53 -13.99
C ALA B 101 23.90 -0.32 -14.93
N GLU B 102 23.93 -1.06 -16.04
CA GLU B 102 25.00 -0.87 -17.01
C GLU B 102 24.89 0.48 -17.68
N ALA B 103 23.65 0.91 -17.97
CA ALA B 103 23.45 2.17 -18.65
C ALA B 103 23.53 3.38 -17.74
N ASN B 104 23.47 3.18 -16.43
CA ASN B 104 23.43 4.26 -15.45
C ASN B 104 24.42 3.97 -14.34
N PRO B 105 25.73 4.03 -14.63
CA PRO B 105 26.73 3.74 -13.58
C PRO B 105 26.66 4.66 -12.38
N ASN B 106 26.06 5.85 -12.49
CA ASN B 106 25.98 6.78 -11.38
C ASN B 106 24.79 6.49 -10.47
N GLN B 107 23.91 5.59 -10.89
CA GLN B 107 22.74 5.21 -10.10
C GLN B 107 23.03 3.95 -9.30
N LYS B 108 22.78 3.99 -7.99
CA LYS B 108 22.87 2.80 -7.16
C LYS B 108 21.57 2.01 -7.20
N PHE B 109 21.74 0.69 -7.25
CA PHE B 109 20.65 -0.28 -7.23
C PHE B 109 20.93 -1.35 -6.19
N ALA B 110 19.86 -1.94 -5.68
CA ALA B 110 19.91 -3.19 -4.95
C ALA B 110 18.88 -4.10 -5.59
N ILE B 111 19.17 -5.38 -5.59
CA ILE B 111 18.22 -6.36 -6.08
C ILE B 111 18.13 -7.46 -5.04
N ILE B 112 16.90 -7.86 -4.71
CA ILE B 112 16.64 -8.92 -3.75
C ILE B 112 16.44 -10.22 -4.51
N ASP B 113 17.17 -11.25 -4.09
CA ASP B 113 17.01 -12.64 -4.53
C ASP B 113 17.71 -12.96 -5.83
N ASP B 114 18.64 -12.13 -6.29
CA ASP B 114 19.42 -12.49 -7.47
C ASP B 114 20.82 -11.95 -7.32
N ALA B 115 21.82 -12.79 -7.60
CA ALA B 115 23.23 -12.46 -7.41
C ALA B 115 24.03 -12.56 -8.71
N SER B 116 23.36 -12.41 -9.87
CA SER B 116 24.04 -12.58 -11.14
C SER B 116 24.75 -11.31 -11.63
N ILE B 117 24.41 -10.17 -11.06
CA ILE B 117 24.96 -8.89 -11.51
C ILE B 117 26.15 -8.55 -10.62
N ASP B 118 27.30 -8.34 -11.26
CA ASP B 118 28.56 -8.02 -10.57
C ASP B 118 29.00 -6.66 -11.08
N LEU B 119 28.50 -5.61 -10.44
CA LEU B 119 28.79 -4.23 -10.84
C LEU B 119 28.89 -3.40 -9.57
N PRO B 120 29.70 -2.33 -9.60
CA PRO B 120 29.95 -1.58 -8.36
C PRO B 120 28.77 -0.74 -7.92
N ASN B 121 27.77 -0.56 -8.78
CA ASN B 121 26.55 0.14 -8.41
C ASN B 121 25.40 -0.80 -8.11
N VAL B 122 25.66 -2.08 -7.91
CA VAL B 122 24.60 -3.03 -7.61
C VAL B 122 24.94 -3.86 -6.37
N THR B 123 24.03 -3.84 -5.40
CA THR B 123 24.08 -4.68 -4.22
C THR B 123 23.04 -5.78 -4.36
N CYS B 124 23.45 -7.02 -4.11
CA CYS B 124 22.59 -8.18 -4.24
C CYS B 124 22.26 -8.68 -2.85
N LEU B 125 21.01 -8.59 -2.47
CA LEU B 125 20.55 -8.96 -1.14
C LEU B 125 19.99 -10.37 -1.19
N MET B 126 20.74 -11.33 -0.65
CA MET B 126 20.46 -12.75 -0.78
C MET B 126 20.15 -13.33 0.58
N PHE B 127 19.22 -14.27 0.58
CA PHE B 127 18.73 -14.92 1.80
C PHE B 127 18.91 -16.43 1.69
N GLU B 128 19.43 -17.04 2.75
CA GLU B 128 19.61 -18.49 2.75
C GLU B 128 18.27 -19.16 3.12
N GLN B 129 17.30 -18.99 2.23
CA GLN B 129 15.94 -19.43 2.49
C GLN B 129 15.83 -20.95 2.60
N SER B 130 16.79 -21.71 2.07
CA SER B 130 16.75 -23.15 2.29
C SER B 130 16.88 -23.49 3.77
N GLN B 131 17.62 -22.68 4.54
CA GLN B 131 17.81 -22.97 5.96
C GLN B 131 16.51 -22.82 6.72
N ALA B 132 15.78 -21.75 6.49
CA ALA B 132 14.49 -21.58 7.16
C ALA B 132 13.46 -22.56 6.65
N SER B 133 13.50 -22.88 5.36
CA SER B 133 12.56 -23.86 4.80
C SER B 133 12.78 -25.24 5.39
N TYR B 134 14.05 -25.61 5.65
CA TYR B 134 14.37 -26.86 6.31
C TYR B 134 13.70 -26.92 7.69
N LEU B 135 13.81 -25.84 8.45
CA LEU B 135 13.26 -25.82 9.80
C LEU B 135 11.75 -26.00 9.77
N VAL B 136 11.07 -25.31 8.86
CA VAL B 136 9.62 -25.47 8.82
C VAL B 136 9.24 -26.83 8.26
N GLY B 137 10.10 -27.42 7.42
CA GLY B 137 9.86 -28.80 6.99
C GLY B 137 9.92 -29.77 8.15
N LEU B 138 10.87 -29.55 9.07
CA LEU B 138 10.89 -30.37 10.28
C LEU B 138 9.55 -30.27 11.01
N VAL B 139 9.03 -29.04 11.14
CA VAL B 139 7.74 -28.85 11.78
C VAL B 139 6.65 -29.65 11.05
N ALA B 140 6.58 -29.52 9.73
CA ALA B 140 5.57 -30.22 8.96
C ALA B 140 5.69 -31.72 9.13
N GLY B 141 6.91 -32.25 9.10
CA GLY B 141 7.10 -33.68 9.26
C GLY B 141 6.70 -34.20 10.62
N LYS B 142 6.88 -33.39 11.66
CA LYS B 142 6.51 -33.81 13.01
C LYS B 142 5.02 -33.59 13.30
N MET B 143 4.36 -32.66 12.61
CA MET B 143 2.97 -32.37 12.95
C MET B 143 1.98 -33.13 12.09
N THR B 144 2.38 -33.61 10.91
CA THR B 144 1.42 -34.29 10.05
C THR B 144 0.92 -35.57 10.71
N LYS B 145 -0.39 -35.81 10.57
CA LYS B 145 -0.99 -37.05 11.04
C LYS B 145 -1.31 -37.98 9.89
N THR B 146 -1.43 -37.44 8.68
CA THR B 146 -1.74 -38.26 7.52
C THR B 146 -0.48 -38.71 6.81
N ASN B 147 0.69 -38.19 7.22
CA ASN B 147 1.96 -38.38 6.53
C ASN B 147 1.93 -37.85 5.10
N LYS B 148 1.08 -36.85 4.84
CA LYS B 148 1.07 -36.15 3.57
C LYS B 148 1.08 -34.65 3.90
N VAL B 149 2.02 -33.94 3.33
CA VAL B 149 2.14 -32.49 3.49
C VAL B 149 2.29 -31.91 2.10
N GLY B 150 2.13 -30.58 2.00
CA GLY B 150 2.11 -29.91 0.73
C GLY B 150 3.12 -28.79 0.66
N PHE B 151 3.50 -28.47 -0.58
CA PHE B 151 4.38 -27.36 -0.91
C PHE B 151 3.82 -26.67 -2.13
N VAL B 152 3.45 -25.39 -1.99
CA VAL B 152 2.99 -24.57 -3.12
C VAL B 152 4.02 -23.47 -3.35
N VAL B 153 4.66 -23.47 -4.52
CA VAL B 153 5.65 -22.47 -4.87
C VAL B 153 5.06 -21.51 -5.87
N GLY B 154 5.44 -20.23 -5.80
CA GLY B 154 4.87 -19.26 -6.70
C GLY B 154 5.37 -19.43 -8.13
N MET B 155 6.66 -19.65 -8.30
CA MET B 155 7.27 -19.90 -9.59
C MET B 155 8.46 -20.80 -9.34
N VAL B 156 8.94 -21.43 -10.40
CA VAL B 156 10.14 -22.25 -10.33
C VAL B 156 11.32 -21.49 -10.92
N SER B 157 12.42 -21.46 -10.17
CA SER B 157 13.67 -20.86 -10.61
C SER B 157 14.73 -21.40 -9.68
N GLN B 158 16.00 -21.09 -9.95
CA GLN B 158 17.06 -21.56 -9.06
C GLN B 158 16.81 -21.13 -7.63
N THR B 159 16.57 -19.84 -7.39
CA THR B 159 16.39 -19.40 -6.02
C THR B 159 15.09 -19.94 -5.43
N MET B 160 14.00 -20.00 -6.21
CA MET B 160 12.73 -20.49 -5.66
C MET B 160 12.84 -21.96 -5.25
N ASN B 161 13.60 -22.74 -6.01
CA ASN B 161 13.74 -24.16 -5.69
C ASN B 161 14.50 -24.36 -4.38
N GLU B 162 15.27 -23.36 -3.92
CA GLU B 162 15.90 -23.47 -2.61
C GLU B 162 14.88 -23.68 -1.52
N PHE B 163 13.70 -23.05 -1.63
CA PHE B 163 12.65 -23.30 -0.66
C PHE B 163 12.21 -24.75 -0.71
N GLY B 164 12.09 -25.30 -1.91
CA GLY B 164 11.62 -26.67 -2.05
C GLY B 164 12.63 -27.68 -1.54
N TYR B 165 13.89 -27.53 -1.93
CA TYR B 165 14.94 -28.45 -1.46
C TYR B 165 15.04 -28.41 0.06
N GLY B 166 15.03 -27.22 0.66
CA GLY B 166 15.08 -27.13 2.10
C GLY B 166 13.89 -27.78 2.77
N TYR B 167 12.69 -27.46 2.29
CA TYR B 167 11.47 -27.96 2.92
C TYR B 167 11.38 -29.47 2.83
N LEU B 168 11.58 -30.03 1.62
CA LEU B 168 11.48 -31.48 1.50
C LEU B 168 12.55 -32.19 2.34
N ALA B 169 13.75 -31.62 2.41
CA ALA B 169 14.79 -32.20 3.24
C ALA B 169 14.38 -32.23 4.71
N GLY B 170 13.78 -31.13 5.19
CA GLY B 170 13.31 -31.09 6.56
C GLY B 170 12.19 -32.07 6.82
N VAL B 171 11.21 -32.11 5.90
CA VAL B 171 10.11 -33.06 6.06
C VAL B 171 10.66 -34.47 6.18
N LYS B 172 11.53 -34.87 5.25
CA LYS B 172 12.02 -36.24 5.25
C LYS B 172 12.94 -36.53 6.42
N ASP B 173 13.73 -35.56 6.87
CA ASP B 173 14.58 -35.81 8.03
C ASP B 173 13.74 -35.99 9.29
N ALA B 174 12.63 -35.26 9.41
CA ALA B 174 11.76 -35.40 10.56
C ALA B 174 10.86 -36.61 10.43
N ASN B 175 10.54 -37.02 9.20
CA ASN B 175 9.51 -38.02 8.93
C ASN B 175 9.85 -38.69 7.61
N PRO B 176 10.65 -39.75 7.65
CA PRO B 176 11.08 -40.39 6.39
C PRO B 176 9.94 -40.95 5.57
N ASN B 177 8.76 -41.12 6.17
CA ASN B 177 7.64 -41.76 5.50
C ASN B 177 6.61 -40.77 4.99
N ALA B 178 6.88 -39.48 5.10
CA ALA B 178 5.94 -38.47 4.66
C ALA B 178 6.07 -38.23 3.16
N THR B 179 4.94 -38.05 2.50
CA THR B 179 4.90 -37.66 1.10
C THR B 179 4.65 -36.15 1.02
N ILE B 180 5.35 -35.48 0.10
CA ILE B 180 5.18 -34.05 -0.12
C ILE B 180 4.51 -33.83 -1.48
N LEU B 181 3.27 -33.38 -1.44
CA LEU B 181 2.55 -32.98 -2.64
C LEU B 181 3.04 -31.60 -3.03
N GLN B 182 3.20 -31.38 -4.33
CA GLN B 182 3.90 -30.20 -4.83
C GLN B 182 3.15 -29.56 -5.98
N PHE B 183 3.15 -28.24 -6.00
CA PHE B 183 2.48 -27.51 -7.05
C PHE B 183 3.17 -26.19 -7.30
N ASN B 184 3.38 -25.90 -8.58
CA ASN B 184 3.90 -24.61 -9.04
C ASN B 184 2.73 -23.78 -9.54
N ALA B 185 2.43 -22.70 -8.81
CA ALA B 185 1.30 -21.85 -9.18
C ALA B 185 1.57 -21.04 -10.44
N ASN B 186 2.83 -20.87 -10.81
CA ASN B 186 3.22 -20.01 -11.93
C ASN B 186 2.67 -18.59 -11.79
N SER B 187 2.58 -18.12 -10.54
CA SER B 187 2.18 -16.75 -10.24
C SER B 187 2.42 -16.46 -8.77
N PHE B 188 2.93 -15.26 -8.49
CA PHE B 188 3.00 -14.75 -7.13
C PHE B 188 1.81 -13.88 -6.75
N SER B 189 0.83 -13.74 -7.64
CA SER B 189 -0.26 -12.79 -7.42
C SER B 189 -1.61 -13.40 -7.74
N SER B 190 -1.80 -14.69 -7.46
CA SER B 190 -3.06 -15.38 -7.77
C SER B 190 -3.57 -16.10 -6.52
N THR B 191 -4.32 -15.37 -5.69
CA THR B 191 -4.87 -16.00 -4.50
C THR B 191 -5.80 -17.15 -4.85
N GLU B 192 -6.53 -17.04 -5.97
CA GLU B 192 -7.44 -18.12 -6.34
C GLU B 192 -6.68 -19.39 -6.69
N THR B 193 -5.54 -19.27 -7.37
CA THR B 193 -4.73 -20.45 -7.65
C THR B 193 -4.19 -21.06 -6.36
N GLY B 194 -3.76 -20.23 -5.41
CA GLY B 194 -3.24 -20.77 -4.17
C GLY B 194 -4.31 -21.49 -3.37
N LYS B 195 -5.52 -20.93 -3.34
CA LYS B 195 -6.60 -21.58 -2.60
C LYS B 195 -7.00 -22.89 -3.27
N SER B 196 -7.10 -22.89 -4.61
CA SER B 196 -7.46 -24.10 -5.33
C SER B 196 -6.40 -25.18 -5.15
N ALA B 197 -5.12 -24.83 -5.23
CA ALA B 197 -4.07 -25.82 -5.06
C ALA B 197 -4.10 -26.41 -3.66
N ALA B 198 -4.30 -25.57 -2.64
CA ALA B 198 -4.33 -26.06 -1.27
C ALA B 198 -5.54 -26.96 -1.05
N THR B 199 -6.71 -26.57 -1.56
CA THR B 199 -7.90 -27.40 -1.41
C THR B 199 -7.72 -28.76 -2.06
N THR B 200 -7.09 -28.81 -3.24
CA THR B 200 -6.86 -30.10 -3.91
C THR B 200 -5.87 -30.96 -3.13
N MET B 201 -4.81 -30.36 -2.59
CA MET B 201 -3.87 -31.12 -1.77
C MET B 201 -4.55 -31.69 -0.54
N ILE B 202 -5.42 -30.89 0.10
CA ILE B 202 -6.13 -31.34 1.29
C ILE B 202 -7.10 -32.48 0.96
N THR B 203 -7.82 -32.36 -0.16
CA THR B 203 -8.67 -33.45 -0.61
C THR B 203 -7.86 -34.72 -0.82
N ASN B 204 -6.61 -34.60 -1.24
CA ASN B 204 -5.75 -35.74 -1.47
C ASN B 204 -4.96 -36.15 -0.23
N GLY B 205 -5.28 -35.59 0.94
CA GLY B 205 -4.78 -36.11 2.19
C GLY B 205 -3.76 -35.24 2.91
N ALA B 206 -3.34 -34.12 2.32
CA ALA B 206 -2.37 -33.28 3.01
C ALA B 206 -3.03 -32.59 4.21
N ASP B 207 -2.30 -32.54 5.33
CA ASP B 207 -2.78 -31.81 6.50
C ASP B 207 -1.89 -30.66 6.95
N VAL B 208 -0.76 -30.43 6.28
CA VAL B 208 0.10 -29.26 6.50
C VAL B 208 0.51 -28.78 5.11
N ILE B 209 0.35 -27.49 4.81
CA ILE B 209 0.85 -26.95 3.56
C ILE B 209 1.72 -25.72 3.81
N PHE B 210 2.92 -25.75 3.27
CA PHE B 210 3.85 -24.63 3.25
C PHE B 210 3.76 -23.97 1.89
N HIS B 211 3.73 -22.65 1.87
CA HIS B 211 3.83 -21.94 0.62
C HIS B 211 5.08 -21.08 0.59
N ALA B 212 5.66 -21.00 -0.59
CA ALA B 212 6.69 -19.99 -0.93
C ALA B 212 6.19 -19.31 -2.20
N ALA B 213 5.12 -18.55 -2.06
CA ALA B 213 4.36 -18.10 -3.22
C ALA B 213 3.85 -16.67 -3.08
N GLY B 214 4.41 -15.88 -2.16
CA GLY B 214 4.04 -14.47 -2.12
C GLY B 214 2.55 -14.31 -1.93
N GLY B 215 1.97 -13.36 -2.68
CA GLY B 215 0.55 -13.09 -2.58
C GLY B 215 -0.32 -14.30 -2.83
N THR B 216 0.10 -15.20 -3.73
CA THR B 216 -0.63 -16.44 -3.98
C THR B 216 -0.81 -17.22 -2.68
N GLY B 217 0.16 -17.11 -1.78
CA GLY B 217 0.08 -17.75 -0.49
C GLY B 217 -1.07 -17.28 0.38
N LEU B 218 -1.59 -16.08 0.18
CA LEU B 218 -2.78 -15.69 0.90
C LEU B 218 -3.91 -16.68 0.64
N GLY B 219 -4.02 -17.14 -0.60
CA GLY B 219 -5.03 -18.14 -0.93
C GLY B 219 -4.72 -19.51 -0.36
N VAL B 220 -3.44 -19.91 -0.36
CA VAL B 220 -3.05 -21.16 0.27
C VAL B 220 -3.47 -21.17 1.73
N ILE B 221 -3.15 -20.08 2.44
CA ILE B 221 -3.50 -19.99 3.86
C ILE B 221 -5.01 -20.04 4.05
N GLU B 222 -5.76 -19.32 3.20
CA GLU B 222 -7.22 -19.32 3.29
CA GLU B 222 -7.21 -19.32 3.31
C GLU B 222 -7.77 -20.72 3.09
N GLY B 223 -7.22 -21.45 2.10
CA GLY B 223 -7.67 -22.80 1.85
C GLY B 223 -7.46 -23.70 3.04
N CYS B 224 -6.29 -23.58 3.68
CA CYS B 224 -6.03 -24.35 4.89
C CYS B 224 -6.96 -23.95 6.03
N LYS B 225 -7.17 -22.64 6.23
CA LYS B 225 -8.05 -22.17 7.27
C LYS B 225 -9.47 -22.69 7.08
N ASP B 226 -9.99 -22.57 5.85
CA ASP B 226 -11.37 -22.95 5.60
C ASP B 226 -11.57 -24.45 5.74
N ALA B 227 -10.52 -25.25 5.50
CA ALA B 227 -10.60 -26.69 5.61
C ALA B 227 -10.22 -27.21 6.99
N GLY B 228 -9.71 -26.34 7.86
CA GLY B 228 -9.32 -26.76 9.19
C GLY B 228 -8.01 -27.50 9.26
N LYS B 229 -7.07 -27.21 8.35
CA LYS B 229 -5.77 -27.85 8.32
C LYS B 229 -4.68 -26.85 8.65
N TRP B 230 -3.45 -27.36 8.74
CA TRP B 230 -2.33 -26.52 9.12
C TRP B 230 -1.67 -25.88 7.90
N ALA B 231 -1.25 -24.63 8.07
CA ALA B 231 -0.50 -23.89 7.08
C ALA B 231 0.82 -23.44 7.68
N ILE B 232 1.80 -23.26 6.81
CA ILE B 232 3.09 -22.68 7.15
C ILE B 232 3.32 -21.51 6.20
N GLY B 233 3.58 -20.35 6.77
CA GLY B 233 3.76 -19.14 5.99
C GLY B 233 5.22 -18.87 5.67
N VAL B 234 5.47 -17.67 5.14
CA VAL B 234 6.78 -17.34 4.60
C VAL B 234 6.99 -15.84 4.65
N ASP B 235 8.26 -15.45 4.66
CA ASP B 235 8.77 -14.07 4.60
C ASP B 235 8.59 -13.35 5.93
N SER B 236 7.35 -13.08 6.32
CA SER B 236 7.02 -12.46 7.59
C SER B 236 6.29 -13.48 8.45
N ASP B 237 6.02 -13.12 9.69
CA ASP B 237 5.24 -13.95 10.61
C ASP B 237 3.79 -13.84 10.16
N GLN B 238 3.33 -14.83 9.39
CA GLN B 238 2.02 -14.76 8.78
C GLN B 238 0.91 -15.27 9.68
N SER B 239 1.19 -15.57 10.92
CA SER B 239 0.18 -16.11 11.81
C SER B 239 -1.08 -15.25 11.95
N PRO B 240 -1.01 -13.91 11.89
CA PRO B 240 -2.26 -13.14 12.03
C PRO B 240 -3.28 -13.45 10.96
N LEU B 241 -2.85 -14.00 9.82
CA LEU B 241 -3.78 -14.31 8.74
C LEU B 241 -4.64 -15.52 9.06
N ALA B 242 -4.19 -16.38 9.98
CA ALA B 242 -4.95 -17.56 10.37
C ALA B 242 -4.34 -18.08 11.66
N PRO B 243 -4.60 -17.41 12.80
CA PRO B 243 -3.84 -17.73 14.02
C PRO B 243 -4.04 -19.14 14.54
N GLU B 244 -5.18 -19.77 14.24
CA GLU B 244 -5.45 -21.11 14.69
C GLU B 244 -4.95 -22.17 13.72
N ASN B 245 -4.45 -21.78 12.55
CA ASN B 245 -4.04 -22.73 11.54
C ASN B 245 -2.59 -22.61 11.11
N ILE B 246 -1.92 -21.51 11.41
CA ILE B 246 -0.52 -21.33 11.04
C ILE B 246 0.33 -21.98 12.11
N LEU B 247 1.21 -22.89 11.71
CA LEU B 247 2.13 -23.52 12.66
C LEU B 247 3.35 -22.65 12.90
N THR B 248 3.87 -22.05 11.84
CA THR B 248 5.07 -21.21 11.85
C THR B 248 5.16 -20.59 10.46
N SER B 249 6.21 -19.78 10.27
CA SER B 249 6.51 -19.22 8.96
C SER B 249 8.02 -19.26 8.78
N ALA B 250 8.45 -19.45 7.53
CA ALA B 250 9.86 -19.41 7.18
C ALA B 250 10.21 -17.95 6.90
N MET B 251 10.77 -17.28 7.91
CA MET B 251 11.02 -15.85 7.84
C MET B 251 12.20 -15.53 6.95
N LYS B 252 12.08 -14.41 6.23
CA LYS B 252 13.13 -13.86 5.39
C LYS B 252 13.06 -12.37 5.60
N ARG B 253 14.05 -11.80 6.30
CA ARG B 253 13.92 -10.43 6.81
C ARG B 253 14.30 -9.39 5.76
N VAL B 254 13.51 -9.37 4.70
CA VAL B 254 13.69 -8.36 3.66
C VAL B 254 13.46 -6.97 4.22
N ASP B 255 12.60 -6.83 5.23
CA ASP B 255 12.45 -5.56 5.89
C ASP B 255 13.76 -5.04 6.49
N ASN B 256 14.44 -5.92 7.23
CA ASN B 256 15.68 -5.48 7.85
C ASN B 256 16.75 -5.18 6.80
N ALA B 257 16.79 -5.96 5.73
CA ALA B 257 17.78 -5.74 4.68
C ALA B 257 17.53 -4.39 4.01
N CYS B 258 16.26 -4.06 3.76
CA CYS B 258 15.95 -2.79 3.12
C CYS B 258 16.21 -1.62 4.06
N PHE B 259 15.90 -1.79 5.35
CA PHE B 259 16.25 -0.77 6.33
C PHE B 259 17.75 -0.54 6.34
N ASP B 260 18.53 -1.64 6.39
CA ASP B 260 19.97 -1.50 6.52
C ASP B 260 20.59 -0.86 5.28
N ILE B 261 20.06 -1.17 4.10
CA ILE B 261 20.65 -0.53 2.92
C ILE B 261 20.24 0.94 2.81
N ALA B 262 19.02 1.28 3.24
CA ALA B 262 18.65 2.69 3.30
C ALA B 262 19.56 3.44 4.26
N LYS B 263 19.85 2.83 5.41
CA LYS B 263 20.80 3.39 6.36
C LYS B 263 22.16 3.56 5.70
N ALA B 264 22.61 2.56 4.94
CA ALA B 264 23.91 2.64 4.28
C ALA B 264 23.96 3.79 3.28
N VAL B 265 22.86 4.02 2.56
CA VAL B 265 22.83 5.14 1.63
C VAL B 265 22.96 6.45 2.39
N LYS B 266 22.20 6.59 3.48
CA LYS B 266 22.26 7.83 4.25
C LYS B 266 23.67 8.05 4.81
N GLU B 267 24.31 6.99 5.25
CA GLU B 267 25.63 7.06 5.89
C GLU B 267 26.76 7.10 4.88
N GLY B 268 26.50 6.80 3.62
CA GLY B 268 27.54 6.81 2.61
C GLY B 268 28.45 5.60 2.57
N ASN B 269 27.94 4.42 2.93
CA ASN B 269 28.79 3.23 2.98
C ASN B 269 28.11 2.01 2.37
N VAL B 270 27.34 2.22 1.30
CA VAL B 270 26.77 1.09 0.57
C VAL B 270 27.89 0.24 -0.01
N LYS B 271 27.82 -1.04 0.22
CA LYS B 271 28.75 -2.01 -0.36
C LYS B 271 28.07 -2.69 -1.53
N PRO B 272 28.70 -2.73 -2.71
CA PRO B 272 28.15 -3.53 -3.82
C PRO B 272 28.45 -5.00 -3.61
N GLY B 273 27.90 -5.80 -4.50
CA GLY B 273 28.10 -7.23 -4.44
C GLY B 273 27.10 -7.91 -3.54
N ILE B 274 27.45 -9.13 -3.16
CA ILE B 274 26.50 -10.03 -2.52
C ILE B 274 26.53 -9.87 -1.01
N ILE B 275 25.36 -9.69 -0.43
CA ILE B 275 25.17 -9.69 1.02
C ILE B 275 24.28 -10.89 1.31
N THR B 276 24.75 -11.80 2.17
CA THR B 276 24.02 -13.02 2.44
C THR B 276 23.48 -13.01 3.86
N TYR B 277 22.18 -13.24 3.98
CA TYR B 277 21.49 -13.29 5.26
C TYR B 277 21.15 -14.74 5.55
N ASP B 278 21.65 -15.26 6.65
CA ASP B 278 21.44 -16.67 6.97
C ASP B 278 20.91 -16.78 8.38
N LEU B 279 20.75 -18.01 8.87
CA LEU B 279 20.22 -18.17 10.22
C LEU B 279 21.12 -17.50 11.23
N LYS B 280 22.44 -17.64 11.07
CA LYS B 280 23.36 -17.10 12.04
C LYS B 280 23.21 -15.59 12.15
N SER B 281 22.92 -14.93 11.03
CA SER B 281 22.78 -13.48 11.00
C SER B 281 21.39 -13.02 11.44
N ALA B 282 20.46 -13.94 11.67
CA ALA B 282 19.07 -13.67 12.00
C ALA B 282 18.29 -13.14 10.81
N GLY B 283 18.87 -13.16 9.60
CA GLY B 283 18.18 -12.70 8.42
C GLY B 283 17.19 -13.68 7.83
N VAL B 284 17.29 -14.95 8.20
CA VAL B 284 16.21 -15.91 8.03
C VAL B 284 16.02 -16.57 9.38
N ASP B 285 14.82 -17.13 9.60
CA ASP B 285 14.49 -17.70 10.91
C ASP B 285 13.15 -18.41 10.78
N ILE B 286 12.72 -19.04 11.87
CA ILE B 286 11.32 -19.39 12.00
C ILE B 286 10.63 -18.24 12.71
N ALA B 287 9.31 -18.18 12.62
CA ALA B 287 8.56 -17.08 13.20
C ALA B 287 8.69 -17.06 14.71
N PRO B 288 8.58 -15.88 15.32
CA PRO B 288 8.58 -15.81 16.79
C PRO B 288 7.30 -16.31 17.42
N THR B 289 6.19 -16.36 16.67
CA THR B 289 4.95 -16.94 17.16
C THR B 289 5.06 -18.46 17.12
N THR B 290 5.00 -19.09 18.30
CA THR B 290 5.13 -20.55 18.42
C THR B 290 3.93 -21.18 19.12
N THR B 291 2.82 -20.45 19.24
CA THR B 291 1.69 -20.88 20.05
C THR B 291 1.12 -22.23 19.65
N ASN B 292 1.18 -22.60 18.37
CA ASN B 292 0.61 -23.87 17.93
C ASN B 292 1.64 -24.99 17.85
N LEU B 293 2.87 -24.76 18.30
CA LEU B 293 3.89 -25.80 18.28
C LEU B 293 3.97 -26.48 19.64
N PRO B 294 3.83 -27.79 19.71
CA PRO B 294 4.11 -28.49 20.97
C PRO B 294 5.54 -28.21 21.41
N LYS B 295 5.74 -28.13 22.73
CA LYS B 295 7.08 -27.86 23.27
C LYS B 295 8.12 -28.80 22.68
N GLU B 296 7.80 -30.09 22.61
CA GLU B 296 8.75 -31.07 22.09
C GLU B 296 9.15 -30.76 20.65
N VAL B 297 8.20 -30.26 19.84
CA VAL B 297 8.51 -29.91 18.47
C VAL B 297 9.36 -28.65 18.42
N LEU B 298 8.98 -27.63 19.19
CA LEU B 298 9.77 -26.40 19.19
C LEU B 298 11.19 -26.67 19.64
N ASP B 299 11.38 -27.50 20.68
CA ASP B 299 12.72 -27.78 21.14
C ASP B 299 13.54 -28.50 20.07
N TYR B 300 12.92 -29.45 19.37
CA TYR B 300 13.58 -30.18 18.29
C TYR B 300 14.00 -29.25 17.18
N VAL B 301 13.11 -28.36 16.76
CA VAL B 301 13.43 -27.45 15.67
C VAL B 301 14.48 -26.44 16.12
N ASN B 302 14.42 -25.97 17.35
CA ASN B 302 15.43 -25.03 17.82
C ASN B 302 16.81 -25.69 17.89
N GLN B 303 16.87 -26.97 18.26
CA GLN B 303 18.14 -27.68 18.25
C GLN B 303 18.69 -27.78 16.82
N ALA B 304 17.82 -28.06 15.85
CA ALA B 304 18.27 -28.13 14.47
C ALA B 304 18.77 -26.78 13.99
N LYS B 305 18.11 -25.71 14.43
CA LYS B 305 18.54 -24.37 14.06
C LYS B 305 19.96 -24.11 14.56
N GLN B 306 20.23 -24.47 15.82
CA GLN B 306 21.57 -24.32 16.34
C GLN B 306 22.55 -25.19 15.58
N ASP B 307 22.13 -26.40 15.20
CA ASP B 307 23.04 -27.27 14.45
C ASP B 307 23.42 -26.64 13.12
N ILE B 308 22.46 -26.02 12.43
CA ILE B 308 22.78 -25.32 11.19
C ILE B 308 23.71 -24.14 11.46
N ILE B 309 23.38 -23.33 12.46
CA ILE B 309 24.19 -22.15 12.77
C ILE B 309 25.61 -22.56 13.08
N ASN B 310 25.77 -23.59 13.90
CA ASN B 310 27.10 -24.04 14.29
C ASN B 310 27.78 -24.85 13.21
N GLY B 311 27.16 -25.00 12.03
CA GLY B 311 27.73 -25.72 10.93
C GLY B 311 27.72 -27.23 11.09
N LYS B 312 27.08 -27.76 12.13
CA LYS B 312 27.07 -29.20 12.34
C LYS B 312 26.32 -29.92 11.24
N ILE B 313 25.35 -29.27 10.61
CA ILE B 313 24.62 -29.86 9.50
C ILE B 313 24.42 -28.78 8.45
N THR B 314 24.29 -29.21 7.20
CA THR B 314 24.11 -28.30 6.08
C THR B 314 22.91 -28.77 5.27
N VAL B 315 22.15 -27.81 4.79
CA VAL B 315 20.89 -28.08 4.09
C VAL B 315 21.16 -28.02 2.59
N PRO B 316 20.68 -28.99 1.81
CA PRO B 316 20.85 -28.88 0.35
C PRO B 316 20.06 -27.73 -0.21
N LYS B 317 20.65 -27.04 -1.20
CA LYS B 317 19.94 -25.92 -1.81
C LYS B 317 20.01 -25.94 -3.33
N THR B 318 20.60 -26.97 -3.94
CA THR B 318 20.64 -27.13 -5.39
C THR B 318 20.14 -28.53 -5.75
N LYS B 319 19.78 -28.69 -7.02
CA LYS B 319 19.27 -29.96 -7.50
C LYS B 319 20.25 -31.08 -7.20
N ALA B 320 21.53 -30.88 -7.53
CA ALA B 320 22.51 -31.95 -7.38
C ALA B 320 22.68 -32.34 -5.91
N GLU B 321 22.79 -31.36 -5.02
CA GLU B 321 22.91 -31.64 -3.58
C GLU B 321 21.68 -32.37 -3.06
N PHE B 322 20.49 -31.92 -3.46
CA PHE B 322 19.27 -32.53 -2.97
C PHE B 322 19.10 -33.95 -3.48
N GLU B 323 19.27 -34.16 -4.78
CA GLU B 323 19.07 -35.49 -5.35
C GLU B 323 20.08 -36.50 -4.80
N ALA B 324 21.29 -36.06 -4.50
CA ALA B 324 22.31 -36.96 -3.98
C ALA B 324 21.84 -37.63 -2.69
N LYS B 325 21.04 -36.94 -1.88
CA LYS B 325 20.57 -37.49 -0.62
C LYS B 325 19.13 -38.00 -0.67
N TYR B 326 18.24 -37.31 -1.37
CA TYR B 326 16.82 -37.60 -1.32
C TYR B 326 16.27 -38.16 -2.62
N GLY B 327 17.10 -38.33 -3.65
CA GLY B 327 16.59 -38.93 -4.87
C GLY B 327 15.69 -37.96 -5.64
N ASN B 328 14.67 -38.51 -6.29
CA ASN B 328 13.90 -37.77 -7.27
C ASN B 328 12.63 -37.15 -6.70
N ILE B 329 12.54 -37.02 -5.37
CA ILE B 329 11.25 -36.68 -4.78
C ILE B 329 10.79 -35.26 -5.06
N TYR B 330 11.68 -34.32 -5.43
CA TYR B 330 11.24 -32.98 -5.78
C TYR B 330 10.89 -32.98 -7.27
N GLU B 331 9.63 -32.71 -7.58
CA GLU B 331 9.10 -32.91 -8.91
C GLU B 331 8.94 -31.62 -9.72
N LEU B 332 9.29 -30.48 -9.14
CA LEU B 332 9.03 -29.23 -9.82
C LEU B 332 10.23 -28.73 -10.61
N ASP B 333 11.38 -29.40 -10.53
CA ASP B 333 12.61 -28.98 -11.16
C ASP B 333 13.04 -29.85 -12.32
N ASP B 334 12.11 -30.56 -12.94
CA ASP B 334 12.45 -31.55 -13.95
C ASP B 334 11.81 -31.20 -15.28
O5' GMP C . -8.06 14.48 -3.45
C5' GMP C . -9.13 15.44 -3.46
C4' GMP C . -10.48 14.76 -3.48
O4' GMP C . -10.61 13.99 -4.72
C3' GMP C . -10.76 13.73 -2.40
O3' GMP C . -11.21 14.36 -1.19
C2' GMP C . -11.89 12.95 -3.04
O2' GMP C . -13.13 13.62 -3.01
C1' GMP C . -11.38 12.85 -4.47
N9 GMP C . -10.60 11.64 -4.75
C8 GMP C . -9.27 11.71 -4.57
N7 GMP C . -8.76 10.49 -4.91
C5 GMP C . -9.79 9.73 -5.30
C6 GMP C . -9.98 8.32 -5.77
O6 GMP C . -9.06 7.57 -5.89
N1 GMP C . -11.32 7.93 -6.08
C2 GMP C . -12.45 8.80 -5.93
N2 GMP C . -13.79 8.41 -6.25
N3 GMP C . -12.27 10.14 -5.46
C4 GMP C . -10.89 10.48 -5.17
ZN ZN D . -19.99 26.37 -15.72
ZN ZN E . 1.05 15.07 -20.92
ZN ZN F . -1.79 4.86 20.68
ZN ZN G . -4.86 10.44 10.92
ZN ZN H . -0.89 -0.80 -5.17
O5' GMP I . 6.96 -15.47 -0.77
C5' GMP I . 7.97 -16.49 -0.80
C4' GMP I . 9.10 -16.10 -1.71
O4' GMP I . 8.63 -16.02 -3.08
C3' GMP I . 9.73 -14.76 -1.45
O3' GMP I . 10.67 -14.82 -0.38
C2' GMP I . 10.42 -14.52 -2.78
O2' GMP I . 11.60 -15.31 -2.94
C1' GMP I . 9.34 -14.99 -3.74
N9 GMP I . 8.43 -13.95 -4.19
C8 GMP I . 7.31 -13.72 -3.43
N7 GMP I . 6.63 -12.74 -4.07
C5 GMP I . 7.32 -12.42 -5.19
C6 GMP I . 7.15 -11.46 -6.33
O6 GMP I . 6.21 -10.70 -6.40
N1 GMP I . 8.17 -11.48 -7.31
C2 GMP I . 9.32 -12.34 -7.28
N2 GMP I . 10.32 -12.34 -8.30
N3 GMP I . 9.51 -13.24 -6.19
C4 GMP I . 8.44 -13.19 -5.20
ZN ZN J . 13.06 -33.37 -9.75
ZN ZN K . 12.80 9.38 -18.39
ZN ZN L . 10.16 -4.95 9.97
#